data_7OWK
#
_entry.id   7OWK
#
_cell.length_a   76.824
_cell.length_b   77.203
_cell.length_c   214.745
_cell.angle_alpha   90.000
_cell.angle_beta   90.000
_cell.angle_gamma   90.000
#
_symmetry.space_group_name_H-M   'P 21 21 21'
#
loop_
_entity.id
_entity.type
_entity.pdbx_description
1 polymer 'Adenylate kinase'
2 non-polymer "THYMIDINE-5'-TRIPHOSPHATE"
3 water water
#
_entity_poly.entity_id   1
_entity_poly.type   'polypeptide(L)'
_entity_poly.pdbx_seq_one_letter_code
;MRFILTGVPGAGKTTVCNKLAEKMSNLSVVNYGDVIFEEAKKLYPSIIQVREDTRKLPRADYRNIQIEAAKKISLITDNL
IVDTHMSLKTPYGFYPGLIPETINIIQPDGIILLEFNPRDVIARREKDRLAGKRVTRDMESETDILLHQQVNRMFAVSYS
AINQCYVKIIDLTWPQEYEFQHTEYAVNKIIEMLNFKI
;
_entity_poly.pdbx_strand_id   B,A,C,D,E,F
#
loop_
_chem_comp.id
_chem_comp.type
_chem_comp.name
_chem_comp.formula
TTP non-polymer THYMIDINE-5'-TRIPHOSPHATE 'C10 H17 N2 O14 P3'
#
# COMPACT_ATOMS: atom_id res chain seq x y z
N MET A 1 13.39 -7.19 36.59
CA MET A 1 13.52 -6.27 35.41
C MET A 1 12.44 -5.19 35.45
N ARG A 2 12.68 -4.08 34.75
CA ARG A 2 11.75 -2.96 34.72
C ARG A 2 11.41 -2.61 33.27
N PHE A 3 10.11 -2.66 32.96
CA PHE A 3 9.61 -2.36 31.64
C PHE A 3 8.44 -1.38 31.74
N ILE A 4 8.41 -0.42 30.82
CA ILE A 4 7.31 0.54 30.73
C ILE A 4 6.41 0.10 29.59
N LEU A 5 5.16 -0.21 29.90
CA LEU A 5 4.20 -0.65 28.89
C LEU A 5 3.42 0.56 28.38
N THR A 6 3.31 0.67 27.05
CA THR A 6 2.63 1.81 26.44
C THR A 6 1.80 1.35 25.26
N GLY A 7 0.86 2.22 24.89
CA GLY A 7 -0.03 1.97 23.76
C GLY A 7 -0.97 3.14 23.62
N VAL A 8 -1.64 3.18 22.47
CA VAL A 8 -2.64 4.22 22.24
C VAL A 8 -3.83 3.92 23.16
N PRO A 9 -4.59 4.94 23.56
CA PRO A 9 -5.69 4.69 24.50
C PRO A 9 -6.89 4.04 23.84
N GLY A 10 -7.62 3.27 24.65
CA GLY A 10 -8.83 2.61 24.19
C GLY A 10 -8.60 1.38 23.36
N ALA A 11 -7.43 0.74 23.47
CA ALA A 11 -7.10 -0.39 22.62
C ALA A 11 -6.98 -1.72 23.36
N GLY A 12 -6.69 -1.70 24.66
CA GLY A 12 -6.53 -2.94 25.41
C GLY A 12 -5.27 -2.93 26.26
N LYS A 13 -4.63 -1.77 26.34
CA LYS A 13 -3.39 -1.65 27.10
C LYS A 13 -3.63 -1.87 28.59
N THR A 14 -4.84 -1.63 29.09
CA THR A 14 -5.18 -1.94 30.48
C THR A 14 -5.51 -3.42 30.65
N THR A 15 -6.08 -4.02 29.61
CA THR A 15 -6.39 -5.45 29.64
C THR A 15 -5.13 -6.27 29.86
N VAL A 16 -4.07 -5.96 29.12
CA VAL A 16 -2.82 -6.70 29.26
C VAL A 16 -2.28 -6.56 30.67
N CYS A 17 -2.44 -5.39 31.29
CA CYS A 17 -1.95 -5.19 32.64
C CYS A 17 -2.73 -6.05 33.64
N ASN A 18 -4.06 -6.05 33.53
CA ASN A 18 -4.87 -6.89 34.40
C ASN A 18 -4.47 -8.36 34.26
N LYS A 19 -4.29 -8.82 33.03
CA LYS A 19 -4.01 -10.24 32.80
C LYS A 19 -2.57 -10.60 33.16
N LEU A 20 -1.64 -9.65 33.09
CA LEU A 20 -0.29 -9.89 33.58
C LEU A 20 -0.28 -10.02 35.09
N ALA A 21 -0.96 -9.08 35.77
CA ALA A 21 -1.08 -9.19 37.23
C ALA A 21 -1.68 -10.53 37.62
N GLU A 22 -2.73 -10.96 36.92
CA GLU A 22 -3.31 -12.27 37.22
C GLU A 22 -2.31 -13.39 36.96
N LYS A 23 -1.95 -13.59 35.70
CA LYS A 23 -1.23 -14.78 35.28
C LYS A 23 0.19 -14.88 35.84
N MET A 24 0.73 -13.81 36.44
CA MET A 24 2.09 -13.85 36.95
C MET A 24 2.16 -13.18 38.30
N SER A 25 2.52 -13.95 39.33
CA SER A 25 2.89 -13.40 40.62
C SER A 25 4.35 -12.96 40.58
N ASN A 26 4.83 -12.40 41.69
CA ASN A 26 6.15 -11.80 41.74
C ASN A 26 6.27 -10.65 40.74
N LEU A 27 5.13 -10.12 40.27
CA LEU A 27 5.10 -9.08 39.25
C LEU A 27 4.22 -7.95 39.75
N SER A 28 4.79 -6.75 39.86
CA SER A 28 4.07 -5.56 40.29
C SER A 28 3.75 -4.72 39.06
N VAL A 29 2.48 -4.63 38.70
CA VAL A 29 2.03 -3.79 37.60
C VAL A 29 1.44 -2.53 38.19
N VAL A 30 1.93 -1.38 37.73
CA VAL A 30 1.60 -0.09 38.32
C VAL A 30 1.18 0.86 37.20
N ASN A 31 0.15 1.65 37.47
CA ASN A 31 -0.28 2.71 36.56
C ASN A 31 0.33 4.03 37.01
N TYR A 32 1.20 4.60 36.17
CA TYR A 32 1.83 5.87 36.50
C TYR A 32 0.78 6.95 36.74
N GLY A 33 -0.31 6.93 35.98
CA GLY A 33 -1.34 7.94 36.15
C GLY A 33 -1.97 7.89 37.53
N ASP A 34 -2.27 6.68 38.03
CA ASP A 34 -2.90 6.57 39.35
C ASP A 34 -1.97 7.06 40.45
N VAL A 35 -0.67 6.75 40.34
CA VAL A 35 0.28 7.20 41.34
C VAL A 35 0.41 8.73 41.32
N ILE A 36 0.49 9.31 40.12
CA ILE A 36 0.54 10.77 40.03
C ILE A 36 -0.71 11.37 40.65
N PHE A 37 -1.88 10.78 40.36
CA PHE A 37 -3.12 11.31 40.90
C PHE A 37 -3.15 11.26 42.42
N GLU A 38 -2.73 10.12 43.00
CA GLU A 38 -2.73 10.01 44.45
C GLU A 38 -1.75 11.00 45.08
N GLU A 39 -0.55 11.12 44.52
CA GLU A 39 0.41 12.09 45.04
C GLU A 39 -0.16 13.51 44.96
N ALA A 40 -0.83 13.84 43.86
CA ALA A 40 -1.42 15.16 43.71
C ALA A 40 -2.49 15.38 44.77
N LYS A 41 -3.41 14.43 44.90
CA LYS A 41 -4.47 14.56 45.90
C LYS A 41 -3.88 14.77 47.29
N LYS A 42 -2.78 14.08 47.60
CA LYS A 42 -2.15 14.26 48.91
C LYS A 42 -1.56 15.66 49.04
N LEU A 43 -0.86 16.13 48.01
CA LEU A 43 -0.19 17.42 48.12
C LEU A 43 -1.16 18.59 47.97
N TYR A 44 -2.20 18.44 47.17
CA TYR A 44 -3.20 19.49 46.94
C TYR A 44 -4.58 18.91 47.18
N PRO A 45 -4.93 18.70 48.47
CA PRO A 45 -6.21 18.00 48.74
C PRO A 45 -7.43 18.86 48.50
N SER A 46 -7.37 20.13 48.87
CA SER A 46 -8.52 21.02 48.80
C SER A 46 -8.88 21.44 47.39
N ILE A 47 -8.31 20.88 46.33
CA ILE A 47 -8.57 21.35 44.97
C ILE A 47 -8.60 20.18 43.99
N ILE A 48 -7.85 19.12 44.29
CA ILE A 48 -7.82 17.94 43.43
C ILE A 48 -8.98 17.03 43.84
N GLN A 49 -9.91 16.80 42.91
CA GLN A 49 -11.04 15.92 43.16
C GLN A 49 -11.04 14.73 42.23
N VAL A 50 -11.06 14.94 40.92
CA VAL A 50 -11.03 13.84 39.96
C VAL A 50 -9.72 13.90 39.19
N ARG A 51 -9.55 12.97 38.27
CA ARG A 51 -8.31 12.89 37.49
C ARG A 51 -8.07 14.11 36.62
N GLU A 52 -9.11 14.60 35.95
CA GLU A 52 -8.96 15.76 35.08
C GLU A 52 -8.44 16.96 35.84
N ASP A 53 -8.79 17.09 37.12
CA ASP A 53 -8.36 18.23 37.92
C ASP A 53 -6.85 18.44 37.93
N THR A 54 -6.07 17.47 37.47
CA THR A 54 -4.62 17.64 37.41
C THR A 54 -4.18 18.64 36.35
N ARG A 55 -5.09 19.12 35.49
CA ARG A 55 -4.75 20.17 34.55
C ARG A 55 -4.71 21.54 35.21
N LYS A 56 -5.37 21.69 36.37
CA LYS A 56 -5.32 22.95 37.11
C LYS A 56 -3.90 23.30 37.54
N LEU A 57 -3.05 22.30 37.71
CA LEU A 57 -1.78 22.50 38.39
C LEU A 57 -0.81 23.32 37.54
N PRO A 58 0.10 24.06 38.18
CA PRO A 58 1.19 24.70 37.42
C PRO A 58 2.14 23.66 36.84
N ARG A 59 2.93 24.11 35.88
CA ARG A 59 3.88 23.24 35.20
C ARG A 59 4.85 22.61 36.21
N ALA A 60 5.51 23.45 37.01
CA ALA A 60 6.57 22.97 37.88
C ALA A 60 6.01 22.08 39.00
N ASP A 61 4.87 22.45 39.57
CA ASP A 61 4.26 21.60 40.59
C ASP A 61 3.90 20.24 40.01
N TYR A 62 3.40 20.21 38.79
CA TYR A 62 3.06 18.93 38.16
C TYR A 62 4.31 18.11 37.89
N ARG A 63 5.40 18.76 37.44
CA ARG A 63 6.66 18.05 37.26
C ARG A 63 7.13 17.43 38.57
N ASN A 64 7.00 18.18 39.68
CA ASN A 64 7.42 17.65 40.97
C ASN A 64 6.54 16.48 41.41
N ILE A 65 5.24 16.54 41.09
CA ILE A 65 4.37 15.40 41.37
C ILE A 65 4.81 14.18 40.58
N GLN A 66 5.16 14.38 39.30
CA GLN A 66 5.67 13.27 38.49
C GLN A 66 6.94 12.69 39.10
N ILE A 67 7.86 13.56 39.53
CA ILE A 67 9.12 13.11 40.11
C ILE A 67 8.84 12.29 41.37
N GLU A 68 7.96 12.80 42.24
CA GLU A 68 7.63 12.08 43.46
C GLU A 68 7.03 10.71 43.16
N ALA A 69 6.13 10.65 42.18
CA ALA A 69 5.52 9.36 41.83
C ALA A 69 6.55 8.39 41.27
N ALA A 70 7.49 8.89 40.46
CA ALA A 70 8.57 8.05 39.96
C ALA A 70 9.46 7.57 41.09
N LYS A 71 9.71 8.43 42.08
CA LYS A 71 10.46 8.03 43.26
C LYS A 71 9.76 6.88 43.98
N LYS A 72 8.45 7.01 44.17
CA LYS A 72 7.68 5.94 44.81
C LYS A 72 7.81 4.64 44.02
N ILE A 73 7.69 4.70 42.69
CA ILE A 73 7.72 3.49 41.90
C ILE A 73 9.10 2.86 41.92
N SER A 74 10.17 3.67 41.99
CA SER A 74 11.51 3.11 41.99
C SER A 74 11.76 2.18 43.17
N LEU A 75 10.93 2.26 44.21
CA LEU A 75 11.12 1.41 45.37
C LEU A 75 10.77 -0.05 45.10
N ILE A 76 9.92 -0.32 44.11
CA ILE A 76 9.54 -1.69 43.82
C ILE A 76 10.80 -2.48 43.46
N THR A 77 10.99 -3.62 44.12
CA THR A 77 12.27 -4.31 44.10
C THR A 77 12.29 -5.58 43.25
N ASP A 78 11.16 -6.03 42.72
CA ASP A 78 11.11 -7.20 41.86
C ASP A 78 10.56 -6.80 40.48
N ASN A 79 10.25 -7.81 39.67
CA ASN A 79 9.75 -7.57 38.31
C ASN A 79 8.65 -6.52 38.32
N LEU A 80 8.83 -5.48 37.50
CA LEU A 80 7.97 -4.30 37.53
C LEU A 80 7.49 -3.98 36.12
N ILE A 81 6.19 -3.70 36.00
CA ILE A 81 5.60 -3.20 34.76
C ILE A 81 4.99 -1.84 35.08
N VAL A 82 5.51 -0.79 34.45
CA VAL A 82 5.00 0.56 34.63
C VAL A 82 4.07 0.88 33.47
N ASP A 83 2.82 1.16 33.80
CA ASP A 83 1.76 1.38 32.81
C ASP A 83 1.59 2.88 32.62
N THR A 84 1.74 3.34 31.38
CA THR A 84 1.65 4.77 31.08
C THR A 84 1.50 4.96 29.57
N HIS A 85 1.61 6.21 29.13
CA HIS A 85 1.48 6.59 27.73
C HIS A 85 2.73 7.31 27.27
N MET A 86 3.16 7.02 26.04
CA MET A 86 4.27 7.77 25.46
C MET A 86 3.84 9.17 25.07
N SER A 87 2.74 9.28 24.33
CA SER A 87 2.19 10.55 23.92
C SER A 87 0.71 10.59 24.29
N LEU A 88 0.23 11.79 24.56
CA LEU A 88 -1.18 12.03 24.79
C LEU A 88 -1.61 13.17 23.88
N LYS A 89 -2.74 12.98 23.20
CA LYS A 89 -3.23 14.00 22.27
C LYS A 89 -3.83 15.16 23.06
N THR A 90 -3.40 16.37 22.72
CA THR A 90 -3.89 17.61 23.31
C THR A 90 -4.40 18.51 22.19
N PRO A 91 -5.30 19.44 22.48
CA PRO A 91 -5.59 20.48 21.48
C PRO A 91 -4.35 21.25 21.04
N TYR A 92 -3.25 21.16 21.79
CA TYR A 92 -1.99 21.80 21.42
C TYR A 92 -1.01 20.84 20.77
N GLY A 93 -1.37 19.58 20.59
CA GLY A 93 -0.52 18.59 19.94
C GLY A 93 -0.25 17.40 20.82
N PHE A 94 0.57 16.49 20.30
CA PHE A 94 0.98 15.33 21.09
C PHE A 94 1.93 15.80 22.18
N TYR A 95 1.72 15.33 23.40
CA TYR A 95 2.54 15.73 24.53
C TYR A 95 3.10 14.49 25.22
N PRO A 96 4.38 14.50 25.59
CA PRO A 96 4.96 13.28 26.18
C PRO A 96 4.33 12.96 27.53
N GLY A 97 3.84 11.72 27.66
CA GLY A 97 3.39 11.25 28.95
C GLY A 97 4.52 11.03 29.94
N LEU A 98 5.74 10.87 29.45
CA LEU A 98 6.91 10.66 30.28
C LEU A 98 7.73 11.94 30.39
N ILE A 99 8.71 11.91 31.30
CA ILE A 99 9.74 12.94 31.37
C ILE A 99 11.07 12.28 31.67
N PRO A 100 12.17 12.90 31.23
CA PRO A 100 13.49 12.31 31.49
C PRO A 100 13.70 11.91 32.95
N GLU A 101 13.07 12.65 33.87
CA GLU A 101 13.19 12.32 35.29
C GLU A 101 12.61 10.95 35.58
N THR A 102 11.49 10.60 34.97
CA THR A 102 10.92 9.28 35.17
C THR A 102 11.90 8.20 34.73
N ILE A 103 12.51 8.38 33.55
CA ILE A 103 13.44 7.38 33.04
C ILE A 103 14.64 7.24 33.97
N ASN A 104 15.14 8.36 34.49
CA ASN A 104 16.32 8.31 35.34
C ASN A 104 16.00 7.70 36.71
N ILE A 105 14.83 8.02 37.25
CA ILE A 105 14.47 7.55 38.58
C ILE A 105 14.10 6.08 38.55
N ILE A 106 13.12 5.73 37.70
CA ILE A 106 12.68 4.34 37.62
C ILE A 106 13.80 3.44 37.10
N GLN A 107 14.67 3.97 36.25
CA GLN A 107 15.71 3.18 35.59
C GLN A 107 15.07 1.97 34.92
N PRO A 108 14.26 2.17 33.88
CA PRO A 108 13.59 1.04 33.23
C PRO A 108 14.54 0.29 32.31
N ASP A 109 14.52 -1.05 32.42
CA ASP A 109 15.29 -1.85 31.47
C ASP A 109 14.82 -1.58 30.05
N GLY A 110 13.51 -1.41 29.85
CA GLY A 110 13.07 -1.15 28.49
C GLY A 110 11.67 -0.59 28.41
N ILE A 111 11.29 -0.25 27.18
CA ILE A 111 9.93 0.19 26.86
C ILE A 111 9.30 -0.85 25.95
N ILE A 112 7.99 -1.01 26.08
CA ILE A 112 7.20 -1.92 25.25
C ILE A 112 6.10 -1.10 24.60
N LEU A 113 5.97 -1.24 23.29
CA LEU A 113 4.89 -0.65 22.52
C LEU A 113 3.88 -1.74 22.18
N LEU A 114 2.59 -1.44 22.38
CA LEU A 114 1.52 -2.31 21.93
C LEU A 114 0.88 -1.66 20.71
N GLU A 115 1.22 -2.14 19.52
CA GLU A 115 0.69 -1.55 18.30
C GLU A 115 -0.48 -2.39 17.80
N PHE A 116 -1.61 -1.73 17.54
CA PHE A 116 -2.84 -2.39 17.11
C PHE A 116 -3.22 -1.92 15.72
N ASN A 117 -4.31 -2.49 15.22
CA ASN A 117 -4.90 -2.07 13.95
C ASN A 117 -5.94 -0.97 14.21
N PRO A 118 -5.93 0.12 13.44
CA PRO A 118 -6.86 1.22 13.73
C PRO A 118 -8.31 0.79 13.88
N ARG A 119 -8.77 -0.15 13.05
CA ARG A 119 -10.15 -0.59 13.11
C ARG A 119 -10.47 -1.14 14.47
N ASP A 120 -9.55 -1.91 15.03
CA ASP A 120 -9.71 -2.44 16.38
C ASP A 120 -9.88 -1.31 17.37
N VAL A 121 -8.98 -0.31 17.35
CA VAL A 121 -9.06 0.79 18.30
C VAL A 121 -10.40 1.51 18.17
N ILE A 122 -10.89 1.67 16.94
CA ILE A 122 -12.17 2.33 16.73
C ILE A 122 -13.28 1.57 17.46
N ALA A 123 -13.39 0.27 17.17
CA ALA A 123 -14.45 -0.53 17.81
C ALA A 123 -14.30 -0.54 19.32
N ARG A 124 -13.06 -0.64 19.79
CA ARG A 124 -12.77 -0.68 21.23
C ARG A 124 -13.19 0.59 21.96
N ARG A 125 -12.84 1.75 21.40
CA ARG A 125 -13.27 3.02 21.95
C ARG A 125 -14.78 3.15 21.87
N GLU A 126 -15.40 2.60 20.83
CA GLU A 126 -16.87 2.59 20.78
C GLU A 126 -17.45 1.83 21.96
N LYS A 127 -16.91 0.64 22.24
CA LYS A 127 -17.40 -0.15 23.37
C LYS A 127 -17.24 0.62 24.67
N ASP A 128 -16.07 1.23 24.87
CA ASP A 128 -15.85 2.02 26.09
C ASP A 128 -16.74 3.26 26.14
N ARG A 129 -17.16 3.75 24.97
CA ARG A 129 -18.03 4.93 24.91
C ARG A 129 -19.43 4.59 25.37
N LEU A 130 -20.03 3.55 24.78
CA LEU A 130 -21.38 3.16 25.18
C LEU A 130 -21.50 3.05 26.70
N ALA A 131 -20.48 2.50 27.34
CA ALA A 131 -20.45 2.42 28.80
C ALA A 131 -19.98 3.76 29.39
N MET A 139 -12.96 10.61 19.03
CA MET A 139 -13.44 10.79 17.66
C MET A 139 -12.32 10.64 16.64
N GLU A 140 -11.17 10.12 17.10
CA GLU A 140 -10.05 9.91 16.19
C GLU A 140 -10.47 9.01 15.02
N SER A 141 -9.85 9.26 13.88
CA SER A 141 -10.01 8.41 12.70
C SER A 141 -8.84 7.42 12.61
N GLU A 142 -9.01 6.42 11.75
CA GLU A 142 -7.93 5.46 11.51
C GLU A 142 -6.62 6.17 11.20
N THR A 143 -6.69 7.24 10.41
CA THR A 143 -5.50 8.03 10.09
C THR A 143 -4.89 8.63 11.36
N ASP A 144 -5.74 9.24 12.20
CA ASP A 144 -5.25 9.78 13.47
C ASP A 144 -4.56 8.72 14.29
N ILE A 145 -5.09 7.50 14.28
CA ILE A 145 -4.56 6.45 15.14
C ILE A 145 -3.22 5.94 14.60
N LEU A 146 -3.11 5.77 13.29
CA LEU A 146 -1.83 5.43 12.69
C LEU A 146 -0.78 6.49 13.02
N LEU A 147 -1.16 7.77 12.84
CA LEU A 147 -0.26 8.87 13.20
C LEU A 147 0.18 8.75 14.65
N HIS A 148 -0.77 8.51 15.55
CA HIS A 148 -0.47 8.44 16.97
C HIS A 148 0.50 7.32 17.27
N GLN A 149 0.32 6.16 16.64
CA GLN A 149 1.20 5.02 16.90
C GLN A 149 2.60 5.29 16.36
N GLN A 150 2.72 5.83 15.15
CA GLN A 150 4.04 6.18 14.64
C GLN A 150 4.71 7.22 15.54
N VAL A 151 3.93 8.16 16.06
CA VAL A 151 4.48 9.19 16.95
C VAL A 151 5.02 8.55 18.22
N ASN A 152 4.24 7.65 18.83
CA ASN A 152 4.72 6.94 20.02
C ASN A 152 5.98 6.15 19.71
N ARG A 153 6.05 5.56 18.51
CA ARG A 153 7.25 4.82 18.13
C ARG A 153 8.46 5.74 18.07
N MET A 154 8.30 6.93 17.49
CA MET A 154 9.40 7.88 17.44
C MET A 154 9.80 8.33 18.84
N PHE A 155 8.82 8.51 19.73
CA PHE A 155 9.12 8.87 21.11
C PHE A 155 9.97 7.79 21.77
N ALA A 156 9.57 6.54 21.60
CA ALA A 156 10.31 5.43 22.20
C ALA A 156 11.72 5.36 21.66
N VAL A 157 11.90 5.54 20.35
CA VAL A 157 13.24 5.49 19.79
C VAL A 157 14.08 6.64 20.30
N SER A 158 13.48 7.82 20.49
CA SER A 158 14.23 8.93 21.04
C SER A 158 14.67 8.65 22.47
N TYR A 159 13.73 8.22 23.31
CA TYR A 159 14.08 7.90 24.70
C TYR A 159 15.13 6.80 24.76
N SER A 160 15.08 5.84 23.84
CA SER A 160 16.09 4.80 23.80
C SER A 160 17.45 5.37 23.41
N ALA A 161 17.47 6.27 22.44
CA ALA A 161 18.75 6.86 22.02
C ALA A 161 19.36 7.70 23.12
N ILE A 162 18.53 8.30 23.98
CA ILE A 162 19.07 9.15 25.03
C ILE A 162 19.49 8.33 26.24
N ASN A 163 18.67 7.35 26.63
CA ASN A 163 18.90 6.61 27.88
C ASN A 163 19.52 5.23 27.67
N GLN A 164 19.68 4.78 26.42
CA GLN A 164 20.28 3.48 26.13
C GLN A 164 19.45 2.35 26.78
N CYS A 165 18.23 2.21 26.26
CA CYS A 165 17.31 1.19 26.74
C CYS A 165 16.68 0.47 25.55
N TYR A 166 16.05 -0.67 25.83
CA TYR A 166 15.42 -1.47 24.80
C TYR A 166 14.06 -0.88 24.41
N VAL A 167 13.63 -1.19 23.19
CA VAL A 167 12.32 -0.83 22.67
C VAL A 167 11.72 -2.05 21.99
N LYS A 168 10.70 -2.65 22.61
CA LYS A 168 10.10 -3.90 22.14
C LYS A 168 8.72 -3.60 21.59
N ILE A 169 8.53 -3.82 20.29
CA ILE A 169 7.27 -3.53 19.62
C ILE A 169 6.50 -4.83 19.47
N ILE A 170 5.31 -4.89 20.07
CA ILE A 170 4.45 -6.06 20.00
C ILE A 170 3.35 -5.77 18.97
N ASP A 171 3.33 -6.61 17.94
CA ASP A 171 2.44 -6.44 16.80
C ASP A 171 1.09 -7.09 17.09
N LEU A 172 0.02 -6.32 16.88
CA LEU A 172 -1.34 -6.80 17.04
C LEU A 172 -2.21 -6.29 15.90
N THR A 173 -1.57 -6.02 14.75
CA THR A 173 -2.30 -5.63 13.56
C THR A 173 -3.09 -6.80 12.98
N TRP A 174 -2.68 -8.04 13.28
CA TRP A 174 -3.32 -9.21 12.72
C TRP A 174 -4.76 -9.35 13.24
N PRO A 175 -5.62 -10.02 12.48
CA PRO A 175 -7.02 -10.13 12.89
C PRO A 175 -7.20 -11.16 14.00
N GLN A 176 -8.12 -10.86 14.91
CA GLN A 176 -8.43 -11.77 16.00
C GLN A 176 -9.41 -12.83 15.51
N GLU A 177 -9.02 -14.10 15.68
CA GLU A 177 -9.97 -15.19 15.46
C GLU A 177 -11.08 -15.15 16.50
N TYR A 178 -10.72 -14.87 17.76
CA TYR A 178 -11.69 -14.68 18.83
C TYR A 178 -11.28 -13.45 19.63
N GLU A 179 -12.28 -12.79 20.20
CA GLU A 179 -12.02 -11.57 20.96
C GLU A 179 -11.03 -11.85 22.10
N PHE A 180 -10.20 -10.85 22.39
CA PHE A 180 -9.18 -10.90 23.43
C PHE A 180 -8.02 -11.84 23.09
N GLN A 181 -7.79 -12.09 21.80
CA GLN A 181 -6.63 -12.85 21.37
C GLN A 181 -5.36 -12.00 21.46
N HIS A 182 -5.48 -10.71 21.10
CA HIS A 182 -4.38 -9.78 21.25
C HIS A 182 -3.87 -9.75 22.68
N THR A 183 -4.79 -9.80 23.65
CA THR A 183 -4.39 -9.78 25.06
C THR A 183 -3.50 -10.98 25.39
N GLU A 184 -3.94 -12.18 25.02
CA GLU A 184 -3.15 -13.37 25.29
C GLU A 184 -1.79 -13.28 24.62
N TYR A 185 -1.75 -12.86 23.36
CA TYR A 185 -0.47 -12.77 22.67
C TYR A 185 0.48 -11.81 23.39
N ALA A 186 -0.02 -10.64 23.77
CA ALA A 186 0.83 -9.66 24.44
C ALA A 186 1.30 -10.16 25.79
N VAL A 187 0.38 -10.71 26.59
CA VAL A 187 0.75 -11.20 27.91
C VAL A 187 1.79 -12.30 27.79
N ASN A 188 1.61 -13.21 26.84
CA ASN A 188 2.55 -14.31 26.67
C ASN A 188 3.91 -13.81 26.21
N LYS A 189 3.95 -12.85 25.28
CA LYS A 189 5.22 -12.30 24.84
C LYS A 189 5.94 -11.63 26.00
N ILE A 190 5.20 -10.90 26.84
CA ILE A 190 5.85 -10.16 27.94
C ILE A 190 6.35 -11.13 29.01
N ILE A 191 5.62 -12.21 29.26
CA ILE A 191 6.10 -13.20 30.23
C ILE A 191 7.31 -13.95 29.68
N GLU A 192 7.25 -14.35 28.41
CA GLU A 192 8.41 -14.93 27.75
C GLU A 192 9.61 -14.01 27.87
N MET A 193 9.36 -12.70 27.82
CA MET A 193 10.44 -11.73 27.93
C MET A 193 10.96 -11.63 29.36
N LEU A 194 10.09 -11.81 30.34
CA LEU A 194 10.51 -11.71 31.74
C LEU A 194 11.29 -12.95 32.18
N ASN A 195 10.86 -14.14 31.77
CA ASN A 195 11.53 -15.37 32.18
C ASN A 195 12.71 -15.74 31.27
N PHE A 196 12.95 -14.98 30.21
CA PHE A 196 14.03 -15.31 29.26
C PHE A 196 15.38 -15.30 29.97
N MET B 1 1.37 32.61 23.35
CA MET B 1 2.01 31.28 23.17
C MET B 1 3.21 31.37 22.25
N ARG B 2 3.94 30.29 22.14
CA ARG B 2 5.08 30.24 21.29
C ARG B 2 5.12 28.96 20.57
N PHE B 3 5.15 29.01 19.25
CA PHE B 3 5.14 27.84 18.39
C PHE B 3 6.17 28.01 17.28
N ILE B 4 6.68 26.87 16.83
CA ILE B 4 7.62 26.81 15.71
C ILE B 4 6.91 26.14 14.55
N LEU B 5 6.58 26.91 13.52
CA LEU B 5 5.85 26.39 12.36
C LEU B 5 6.84 25.89 11.31
N THR B 6 6.63 24.67 10.83
CA THR B 6 7.55 24.06 9.88
C THR B 6 6.79 23.22 8.87
N GLY B 7 7.51 22.82 7.83
CA GLY B 7 6.99 22.02 6.74
C GLY B 7 7.91 22.09 5.55
N VAL B 8 7.81 21.08 4.69
CA VAL B 8 8.65 21.01 3.50
C VAL B 8 8.54 22.33 2.75
N PRO B 9 9.59 22.76 2.04
CA PRO B 9 9.57 24.08 1.42
C PRO B 9 8.73 24.11 0.15
N GLY B 10 8.19 25.30 -0.13
CA GLY B 10 7.43 25.52 -1.34
C GLY B 10 6.07 24.87 -1.34
N ALA B 11 5.46 24.69 -0.16
CA ALA B 11 4.17 24.03 -0.05
C ALA B 11 3.06 24.90 0.49
N GLY B 12 3.38 26.02 1.15
CA GLY B 12 2.37 26.91 1.70
C GLY B 12 2.63 27.27 3.15
N LYS B 13 3.86 27.16 3.54
CA LYS B 13 4.27 27.54 4.86
C LYS B 13 4.29 29.06 5.03
N THR B 14 4.91 29.86 4.17
CA THR B 14 4.76 31.29 4.41
C THR B 14 3.35 31.76 4.14
N THR B 15 2.58 31.15 3.32
CA THR B 15 1.18 31.52 3.14
C THR B 15 0.45 31.53 4.48
N VAL B 16 0.56 30.42 5.22
CA VAL B 16 -0.10 30.32 6.51
C VAL B 16 0.46 31.36 7.47
N CYS B 17 1.77 31.60 7.41
CA CYS B 17 2.38 32.60 8.30
C CYS B 17 1.78 33.98 8.06
N ASN B 18 1.62 34.37 6.79
CA ASN B 18 1.07 35.68 6.48
C ASN B 18 -0.40 35.77 6.89
N LYS B 19 -1.20 34.76 6.51
CA LYS B 19 -2.60 34.77 6.90
C LYS B 19 -2.75 34.87 8.42
N LEU B 20 -1.85 34.23 9.17
CA LEU B 20 -1.85 34.37 10.62
C LEU B 20 -1.53 35.80 11.04
N ALA B 21 -0.31 36.26 10.71
CA ALA B 21 0.11 37.59 11.11
C ALA B 21 -0.93 38.65 10.79
N GLU B 22 -1.82 38.40 9.81
CA GLU B 22 -2.85 39.40 9.52
C GLU B 22 -4.15 39.13 10.26
N LYS B 23 -4.59 37.87 10.38
CA LYS B 23 -5.88 37.55 10.95
C LYS B 23 -5.85 37.41 12.48
N MET B 24 -4.78 37.86 13.13
CA MET B 24 -4.65 37.73 14.58
C MET B 24 -4.05 39.00 15.15
N SER B 25 -4.40 39.28 16.40
CA SER B 25 -3.79 40.35 17.18
C SER B 25 -2.96 39.73 18.30
N ASN B 26 -2.06 40.52 18.86
CA ASN B 26 -1.10 40.05 19.85
C ASN B 26 -0.21 38.93 19.30
N LEU B 27 -0.21 38.74 17.99
CA LEU B 27 0.52 37.65 17.34
C LEU B 27 1.65 38.23 16.51
N SER B 28 2.87 37.77 16.78
CA SER B 28 4.06 38.17 16.04
C SER B 28 4.63 36.96 15.31
N VAL B 29 4.66 37.04 13.98
CA VAL B 29 5.23 36.00 13.14
C VAL B 29 6.61 36.45 12.68
N VAL B 30 7.59 35.54 12.74
CA VAL B 30 8.97 35.88 12.41
C VAL B 30 9.63 34.65 11.78
N ASN B 31 10.34 34.87 10.68
CA ASN B 31 11.04 33.79 9.98
C ASN B 31 12.47 33.68 10.50
N TYR B 32 12.87 32.46 10.86
CA TYR B 32 14.19 32.26 11.45
C TYR B 32 15.29 32.55 10.45
N GLY B 33 15.10 32.11 9.20
CA GLY B 33 16.10 32.37 8.17
C GLY B 33 16.38 33.85 7.99
N ASP B 34 15.35 34.68 8.08
CA ASP B 34 15.53 36.11 7.88
C ASP B 34 16.34 36.74 9.00
N VAL B 35 16.07 36.36 10.25
CA VAL B 35 16.84 36.91 11.36
C VAL B 35 18.27 36.40 11.30
N ILE B 36 18.47 35.13 10.93
CA ILE B 36 19.81 34.61 10.74
C ILE B 36 20.56 35.45 9.71
N PHE B 37 19.92 35.69 8.56
CA PHE B 37 20.57 36.45 7.50
C PHE B 37 20.86 37.87 7.96
N GLU B 38 19.94 38.50 8.69
CA GLU B 38 20.17 39.87 9.15
C GLU B 38 21.34 39.94 10.10
N GLU B 39 21.40 39.03 11.09
CA GLU B 39 22.49 39.06 12.04
C GLU B 39 23.83 38.79 11.38
N ALA B 40 23.86 37.82 10.46
CA ALA B 40 25.10 37.54 9.73
C ALA B 40 25.51 38.75 8.90
N LYS B 41 24.56 39.36 8.20
CA LYS B 41 24.83 40.57 7.44
C LYS B 41 25.45 41.65 8.31
N LYS B 42 24.91 41.85 9.52
CA LYS B 42 25.45 42.84 10.43
C LYS B 42 26.88 42.49 10.82
N LEU B 43 27.10 41.26 11.25
CA LEU B 43 28.42 40.89 11.77
C LEU B 43 29.47 40.85 10.67
N TYR B 44 29.12 40.30 9.50
CA TYR B 44 30.06 40.12 8.39
C TYR B 44 29.53 40.81 7.15
N PRO B 45 29.36 42.14 7.19
CA PRO B 45 28.88 42.84 5.99
C PRO B 45 29.83 42.71 4.81
N SER B 46 31.10 42.44 5.08
CA SER B 46 32.08 42.32 4.01
C SER B 46 31.70 41.23 3.02
N ILE B 47 31.21 40.10 3.52
CA ILE B 47 30.96 38.94 2.68
C ILE B 47 29.52 38.46 2.73
N ILE B 48 28.74 38.80 3.75
CA ILE B 48 27.34 38.39 3.83
C ILE B 48 26.52 39.40 3.03
N GLN B 49 26.05 39.00 1.86
CA GLN B 49 25.21 39.86 1.04
C GLN B 49 24.13 39.10 0.29
N VAL B 50 24.09 37.76 0.38
CA VAL B 50 22.99 36.97 -0.16
C VAL B 50 22.78 35.79 0.80
N ARG B 51 21.54 35.29 0.85
CA ARG B 51 21.19 34.25 1.80
C ARG B 51 22.08 33.02 1.70
N GLU B 52 22.85 32.88 0.62
CA GLU B 52 23.77 31.77 0.47
C GLU B 52 25.19 32.09 0.94
N ASP B 53 25.53 33.38 1.04
CA ASP B 53 26.79 33.76 1.68
C ASP B 53 26.85 33.27 3.13
N THR B 54 25.69 33.05 3.76
CA THR B 54 25.68 32.65 5.16
C THR B 54 26.47 31.37 5.38
N ARG B 55 26.39 30.44 4.43
CA ARG B 55 27.11 29.18 4.53
C ARG B 55 28.43 29.20 3.79
N LYS B 56 28.98 30.39 3.54
CA LYS B 56 30.40 30.59 3.31
C LYS B 56 31.16 30.78 4.62
N LEU B 57 30.50 30.54 5.76
CA LEU B 57 31.06 30.73 7.08
C LEU B 57 31.31 29.38 7.74
N PRO B 58 32.17 29.34 8.76
CA PRO B 58 32.29 28.12 9.55
C PRO B 58 31.02 27.88 10.37
N ARG B 59 30.71 26.62 10.59
CA ARG B 59 29.48 26.28 11.30
C ARG B 59 29.48 26.78 12.74
N ALA B 60 30.65 27.12 13.29
CA ALA B 60 30.69 27.69 14.62
C ALA B 60 30.22 29.14 14.62
N ASP B 61 30.76 29.95 13.70
CA ASP B 61 30.25 31.30 13.53
C ASP B 61 28.77 31.30 13.20
N TYR B 62 28.34 30.39 12.31
CA TYR B 62 26.93 30.31 11.98
C TYR B 62 26.09 29.87 13.17
N ARG B 63 26.64 29.02 14.05
CA ARG B 63 25.93 28.63 15.25
C ARG B 63 25.76 29.81 16.20
N ASN B 64 26.80 30.60 16.34
CA ASN B 64 26.66 31.84 17.11
C ASN B 64 25.61 32.75 16.49
N ILE B 65 25.57 32.83 15.16
CA ILE B 65 24.52 33.60 14.49
C ILE B 65 23.16 33.07 14.90
N GLN B 66 23.01 31.75 14.94
CA GLN B 66 21.71 31.15 15.26
C GLN B 66 21.31 31.43 16.70
N ILE B 67 22.27 31.36 17.63
CA ILE B 67 21.97 31.67 19.02
C ILE B 67 21.56 33.13 19.16
N GLU B 68 22.28 34.04 18.50
CA GLU B 68 21.91 35.46 18.54
C GLU B 68 20.53 35.69 17.94
N ALA B 69 20.22 34.99 16.88
CA ALA B 69 18.93 35.16 16.26
C ALA B 69 17.87 34.76 17.21
N ALA B 70 18.06 33.65 17.89
CA ALA B 70 17.07 33.16 18.81
C ALA B 70 16.87 34.12 19.93
N LYS B 71 17.94 34.64 20.46
CA LYS B 71 17.86 35.56 21.54
C LYS B 71 17.17 36.70 21.04
N LYS B 72 17.57 37.17 19.91
CA LYS B 72 16.95 38.33 19.39
C LYS B 72 15.49 38.10 19.14
N ILE B 73 15.14 36.91 18.66
CA ILE B 73 13.76 36.55 18.34
C ILE B 73 12.79 36.48 19.52
N SER B 74 13.23 35.89 20.62
CA SER B 74 12.40 35.75 21.81
C SER B 74 12.03 37.11 22.41
N LEU B 75 13.02 37.99 22.42
CA LEU B 75 12.86 39.33 22.97
C LEU B 75 11.73 40.06 22.27
N ILE B 76 11.42 39.67 21.05
CA ILE B 76 10.40 40.38 20.29
C ILE B 76 9.03 40.42 20.89
N THR B 77 8.52 39.33 21.43
CA THR B 77 7.25 39.39 22.11
C THR B 77 7.03 38.21 22.91
N ASP B 78 6.01 38.37 23.71
CA ASP B 78 5.55 37.36 24.60
C ASP B 78 4.67 36.39 23.81
N ASN B 79 4.46 36.63 22.53
CA ASN B 79 3.69 35.70 21.73
C ASN B 79 4.40 35.48 20.46
N LEU B 80 4.35 34.29 19.86
CA LEU B 80 5.11 34.07 18.66
C LEU B 80 4.81 32.93 17.78
N ILE B 81 5.25 33.03 16.56
CA ILE B 81 5.15 32.00 15.55
C ILE B 81 6.48 32.12 14.82
N VAL B 82 7.30 31.10 14.94
CA VAL B 82 8.62 31.09 14.30
C VAL B 82 8.54 30.22 13.06
N ASP B 83 8.68 30.86 11.90
CA ASP B 83 8.70 30.16 10.63
C ASP B 83 10.11 29.64 10.38
N THR B 84 10.26 28.33 10.29
CA THR B 84 11.56 27.72 10.06
C THR B 84 11.36 26.34 9.47
N HIS B 85 12.47 25.63 9.26
CA HIS B 85 12.47 24.30 8.66
C HIS B 85 13.04 23.30 9.65
N MET B 86 12.30 22.21 9.87
CA MET B 86 12.79 21.15 10.75
C MET B 86 14.08 20.56 10.21
N SER B 87 14.10 20.24 8.92
CA SER B 87 15.28 19.70 8.26
C SER B 87 15.40 20.32 6.88
N LEU B 88 16.59 20.22 6.31
CA LEU B 88 16.88 20.75 4.98
C LEU B 88 17.71 19.73 4.22
N LYS B 89 17.22 19.33 3.04
CA LYS B 89 17.95 18.38 2.22
C LYS B 89 19.23 19.03 1.70
N THR B 90 20.34 18.31 1.80
CA THR B 90 21.66 18.78 1.42
C THR B 90 22.42 17.61 0.82
N PRO B 91 23.46 17.88 0.03
CA PRO B 91 24.18 16.76 -0.62
C PRO B 91 24.72 15.75 0.37
N TYR B 92 24.80 16.09 1.65
CA TYR B 92 25.31 15.19 2.68
C TYR B 92 24.21 14.54 3.51
N GLY B 93 22.95 14.85 3.24
CA GLY B 93 21.83 14.29 3.98
C GLY B 93 21.17 15.33 4.87
N PHE B 94 19.92 15.05 5.22
CA PHE B 94 19.10 15.99 5.97
C PHE B 94 19.85 16.55 7.17
N TYR B 95 19.86 17.87 7.29
CA TYR B 95 20.52 18.57 8.38
C TYR B 95 19.49 19.35 9.21
N PRO B 96 19.65 19.42 10.54
CA PRO B 96 18.62 20.06 11.36
C PRO B 96 18.58 21.57 11.15
N GLY B 97 17.36 22.11 11.13
CA GLY B 97 17.21 23.55 11.01
C GLY B 97 17.42 24.28 12.32
N LEU B 98 17.05 23.67 13.44
CA LEU B 98 17.22 24.27 14.74
C LEU B 98 18.51 23.77 15.38
N ILE B 99 18.66 24.09 16.66
CA ILE B 99 19.74 23.61 17.51
C ILE B 99 19.20 23.50 18.92
N PRO B 100 19.70 22.57 19.74
CA PRO B 100 19.18 22.47 21.11
C PRO B 100 19.10 23.81 21.81
N GLU B 101 19.95 24.76 21.42
CA GLU B 101 19.90 26.10 21.99
C GLU B 101 18.61 26.82 21.60
N THR B 102 18.32 26.89 20.29
CA THR B 102 17.17 27.63 19.79
C THR B 102 15.94 27.47 20.69
N ILE B 103 15.69 26.24 21.14
CA ILE B 103 14.49 25.96 21.92
C ILE B 103 14.66 26.29 23.40
N ASN B 104 15.89 26.32 23.91
CA ASN B 104 16.12 26.81 25.26
C ASN B 104 16.05 28.33 25.34
N ILE B 105 16.42 29.00 24.25
CA ILE B 105 16.35 30.47 24.21
C ILE B 105 14.93 30.93 23.97
N ILE B 106 14.21 30.29 23.05
CA ILE B 106 12.85 30.73 22.73
C ILE B 106 11.81 30.11 23.66
N GLN B 107 12.12 28.98 24.30
CA GLN B 107 11.21 28.30 25.22
C GLN B 107 9.83 28.09 24.58
N PRO B 108 9.78 27.51 23.37
CA PRO B 108 8.51 27.47 22.64
C PRO B 108 7.53 26.48 23.24
N ASP B 109 6.26 26.90 23.31
CA ASP B 109 5.22 25.99 23.75
C ASP B 109 5.19 24.73 22.90
N GLY B 110 5.36 24.87 21.59
CA GLY B 110 5.27 23.69 20.75
C GLY B 110 5.89 23.86 19.38
N ILE B 111 5.84 22.76 18.63
CA ILE B 111 6.24 22.72 17.24
C ILE B 111 5.00 22.30 16.43
N ILE B 112 4.88 22.84 15.22
CA ILE B 112 3.77 22.53 14.33
C ILE B 112 4.35 22.07 13.01
N LEU B 113 3.83 20.96 12.48
CA LEU B 113 4.26 20.42 11.20
C LEU B 113 3.08 20.45 10.24
N LEU B 114 3.18 21.29 9.21
CA LEU B 114 2.19 21.30 8.13
C LEU B 114 2.56 20.20 7.14
N GLU B 115 1.80 19.11 7.15
CA GLU B 115 2.13 17.93 6.35
C GLU B 115 1.21 17.87 5.15
N PHE B 116 1.79 17.99 3.95
CA PHE B 116 1.03 18.06 2.71
C PHE B 116 1.09 16.74 1.96
N ASN B 117 0.30 16.66 0.91
CA ASN B 117 0.45 15.57 -0.05
C ASN B 117 1.55 15.94 -1.05
N PRO B 118 2.50 15.04 -1.33
CA PRO B 118 3.64 15.43 -2.17
C PRO B 118 3.27 15.92 -3.55
N ARG B 119 2.19 15.41 -4.13
CA ARG B 119 1.76 15.81 -5.47
C ARG B 119 1.43 17.28 -5.49
N ASP B 120 0.67 17.72 -4.50
CA ASP B 120 0.38 19.13 -4.33
C ASP B 120 1.66 19.93 -4.22
N VAL B 121 2.66 19.41 -3.50
CA VAL B 121 3.90 20.14 -3.30
C VAL B 121 4.64 20.32 -4.62
N ILE B 122 4.70 19.27 -5.44
CA ILE B 122 5.34 19.38 -6.75
C ILE B 122 4.65 20.47 -7.57
N ALA B 123 3.31 20.44 -7.58
CA ALA B 123 2.56 21.43 -8.34
C ALA B 123 2.83 22.84 -7.82
N ARG B 124 2.82 23.02 -6.53
CA ARG B 124 3.06 24.33 -5.98
C ARG B 124 4.43 24.82 -6.27
N ARG B 125 5.42 23.97 -6.15
CA ARG B 125 6.79 24.37 -6.41
C ARG B 125 6.98 24.80 -7.86
N GLU B 126 6.38 24.07 -8.79
CA GLU B 126 6.53 24.46 -10.19
C GLU B 126 5.66 25.66 -10.56
N LYS B 127 4.60 25.93 -9.81
CA LYS B 127 3.88 27.19 -9.99
C LYS B 127 4.69 28.35 -9.42
N ASP B 128 5.42 28.12 -8.31
CA ASP B 128 6.39 29.10 -7.85
C ASP B 128 7.54 29.23 -8.83
N ARG B 129 7.93 28.13 -9.48
CA ARG B 129 8.99 28.20 -10.48
C ARG B 129 8.53 28.90 -11.76
N LEU B 130 7.31 29.41 -11.80
CA LEU B 130 6.84 30.23 -12.91
C LEU B 130 6.63 31.69 -12.53
N ALA B 131 6.51 32.00 -11.24
CA ALA B 131 6.22 33.35 -10.78
C ALA B 131 7.48 34.13 -10.39
N GLY B 132 8.66 33.51 -10.48
CA GLY B 132 9.90 34.17 -10.16
C GLY B 132 10.46 33.86 -8.78
N LYS B 133 9.79 33.02 -7.99
CA LYS B 133 10.15 32.86 -6.58
C LYS B 133 11.13 31.72 -6.32
N ARG B 134 11.16 30.69 -7.17
CA ARG B 134 12.05 29.55 -6.95
C ARG B 134 13.33 29.70 -7.75
N ASP B 138 16.51 22.01 -8.03
CA ASP B 138 15.22 21.76 -7.39
C ASP B 138 14.37 20.80 -8.22
N MET B 139 14.54 19.50 -7.97
CA MET B 139 13.91 18.48 -8.81
C MET B 139 13.40 17.32 -7.96
N GLU B 140 12.87 17.61 -6.77
CA GLU B 140 12.43 16.54 -5.88
C GLU B 140 11.24 15.80 -6.48
N SER B 141 11.03 14.58 -5.99
CA SER B 141 9.96 13.72 -6.46
C SER B 141 8.97 13.47 -5.33
N GLU B 142 8.00 12.59 -5.59
CA GLU B 142 7.01 12.23 -4.58
C GLU B 142 7.66 11.54 -3.39
N THR B 143 8.55 10.57 -3.67
CA THR B 143 9.16 9.81 -2.61
C THR B 143 10.15 10.66 -1.82
N ASP B 144 10.94 11.47 -2.50
CA ASP B 144 11.81 12.42 -1.82
C ASP B 144 11.02 13.21 -0.78
N ILE B 145 9.85 13.70 -1.18
CA ILE B 145 9.09 14.60 -0.31
C ILE B 145 8.44 13.83 0.84
N LEU B 146 7.95 12.63 0.57
CA LEU B 146 7.43 11.81 1.66
C LEU B 146 8.51 11.54 2.69
N LEU B 147 9.72 11.19 2.23
CA LEU B 147 10.83 10.97 3.16
C LEU B 147 11.14 12.24 3.94
N HIS B 148 11.18 13.38 3.26
CA HIS B 148 11.47 14.65 3.94
C HIS B 148 10.45 14.93 5.03
N GLN B 149 9.17 14.70 4.76
CA GLN B 149 8.13 14.96 5.76
C GLN B 149 8.23 14.00 6.92
N GLN B 150 8.48 12.71 6.63
CA GLN B 150 8.66 11.74 7.70
C GLN B 150 9.86 12.12 8.58
N VAL B 151 10.93 12.61 7.96
CA VAL B 151 12.12 13.00 8.71
C VAL B 151 11.85 14.23 9.56
N ASN B 152 11.08 15.18 9.05
CA ASN B 152 10.66 16.33 9.85
C ASN B 152 9.85 15.86 11.06
N ARG B 153 8.93 14.92 10.84
CA ARG B 153 8.18 14.35 11.95
C ARG B 153 9.11 13.78 13.01
N MET B 154 10.08 12.97 12.58
CA MET B 154 11.00 12.34 13.52
C MET B 154 11.79 13.39 14.30
N PHE B 155 12.29 14.42 13.61
CA PHE B 155 13.01 15.50 14.29
C PHE B 155 12.14 16.16 15.35
N ALA B 156 10.90 16.49 14.98
CA ALA B 156 10.02 17.17 15.92
C ALA B 156 9.77 16.31 17.15
N VAL B 157 9.51 15.02 16.94
CA VAL B 157 9.25 14.14 18.07
C VAL B 157 10.48 14.04 18.95
N SER B 158 11.68 13.98 18.33
CA SER B 158 12.91 13.95 19.11
C SER B 158 13.04 15.19 19.98
N TYR B 159 12.84 16.37 19.39
CA TYR B 159 12.97 17.60 20.16
C TYR B 159 11.93 17.68 21.26
N SER B 160 10.72 17.16 21.00
CA SER B 160 9.70 17.13 22.04
C SER B 160 10.14 16.25 23.20
N ALA B 161 10.56 15.02 22.92
CA ALA B 161 11.09 14.15 23.95
C ALA B 161 12.22 14.81 24.72
N ILE B 162 13.02 15.64 24.05
CA ILE B 162 14.17 16.24 24.71
C ILE B 162 13.75 17.39 25.61
N ASN B 163 12.77 18.20 25.20
CA ASN B 163 12.47 19.45 25.89
C ASN B 163 11.02 19.56 26.38
N GLN B 164 10.23 18.49 26.30
CA GLN B 164 8.88 18.49 26.83
C GLN B 164 8.04 19.62 26.23
N CYS B 165 7.88 19.55 24.90
CA CYS B 165 7.07 20.51 24.16
C CYS B 165 6.09 19.76 23.29
N TYR B 166 4.99 20.43 22.94
CA TYR B 166 3.99 19.82 22.10
C TYR B 166 4.52 19.65 20.68
N VAL B 167 4.02 18.64 19.99
CA VAL B 167 4.26 18.44 18.57
C VAL B 167 2.88 18.29 17.92
N LYS B 168 2.36 19.38 17.37
CA LYS B 168 1.10 19.39 16.65
C LYS B 168 1.36 19.12 15.17
N ILE B 169 0.57 18.24 14.59
CA ILE B 169 0.65 17.92 13.17
C ILE B 169 -0.66 18.33 12.53
N ILE B 170 -0.58 19.06 11.42
CA ILE B 170 -1.76 19.51 10.68
C ILE B 170 -1.76 18.81 9.33
N ASP B 171 -2.80 17.99 9.11
CA ASP B 171 -2.95 17.20 7.90
C ASP B 171 -3.54 18.07 6.79
N LEU B 172 -2.76 18.32 5.74
CA LEU B 172 -3.19 19.02 4.56
C LEU B 172 -2.94 18.18 3.33
N THR B 173 -3.09 16.85 3.46
CA THR B 173 -2.91 15.93 2.36
C THR B 173 -4.18 15.76 1.54
N TRP B 174 -5.34 15.88 2.17
CA TRP B 174 -6.63 15.75 1.49
C TRP B 174 -6.70 16.70 0.31
N PRO B 175 -7.50 16.39 -0.71
CA PRO B 175 -7.61 17.27 -1.88
C PRO B 175 -8.55 18.44 -1.61
N GLN B 176 -8.22 19.57 -2.23
CA GLN B 176 -8.96 20.80 -1.98
C GLN B 176 -10.22 20.87 -2.84
N GLU B 177 -11.25 21.49 -2.27
CA GLU B 177 -12.43 21.88 -3.04
C GLU B 177 -12.25 23.21 -3.74
N TYR B 178 -11.16 23.91 -3.45
CA TYR B 178 -10.83 25.19 -4.05
C TYR B 178 -9.44 25.58 -3.59
N GLU B 179 -8.80 26.46 -4.36
CA GLU B 179 -7.45 26.88 -4.03
C GLU B 179 -7.43 27.57 -2.67
N PHE B 180 -6.34 27.35 -1.94
CA PHE B 180 -6.10 27.95 -0.64
C PHE B 180 -7.05 27.45 0.45
N GLN B 181 -7.74 26.34 0.21
CA GLN B 181 -8.53 25.73 1.29
C GLN B 181 -7.62 25.16 2.37
N HIS B 182 -6.47 24.60 1.97
CA HIS B 182 -5.50 24.11 2.93
C HIS B 182 -5.04 25.23 3.88
N THR B 183 -4.78 26.42 3.33
CA THR B 183 -4.24 27.49 4.16
C THR B 183 -5.29 27.99 5.14
N GLU B 184 -6.53 28.18 4.67
CA GLU B 184 -7.59 28.57 5.57
C GLU B 184 -7.79 27.53 6.67
N TYR B 185 -7.78 26.26 6.30
CA TYR B 185 -7.91 25.19 7.28
C TYR B 185 -6.81 25.29 8.34
N ALA B 186 -5.55 25.40 7.90
CA ALA B 186 -4.44 25.44 8.84
C ALA B 186 -4.52 26.68 9.73
N VAL B 187 -4.89 27.84 9.15
CA VAL B 187 -4.97 29.06 9.94
C VAL B 187 -6.05 28.92 11.00
N ASN B 188 -7.19 28.31 10.64
CA ASN B 188 -8.24 28.07 11.61
C ASN B 188 -7.77 27.13 12.70
N LYS B 189 -7.04 26.07 12.34
CA LYS B 189 -6.53 25.15 13.36
C LYS B 189 -5.63 25.88 14.35
N ILE B 190 -4.70 26.68 13.83
CA ILE B 190 -3.75 27.36 14.71
C ILE B 190 -4.47 28.39 15.58
N ILE B 191 -5.42 29.14 14.99
CA ILE B 191 -6.17 30.10 15.79
C ILE B 191 -6.95 29.39 16.89
N GLU B 192 -7.83 28.46 16.51
CA GLU B 192 -8.53 27.64 17.48
C GLU B 192 -7.61 27.18 18.61
N MET B 193 -6.41 26.75 18.24
CA MET B 193 -5.43 26.35 19.25
C MET B 193 -5.11 27.51 20.19
N LEU B 194 -4.85 28.70 19.62
CA LEU B 194 -4.43 29.83 20.43
C LEU B 194 -5.56 30.38 21.29
N ASN B 195 -6.76 30.47 20.73
CA ASN B 195 -7.90 31.02 21.46
C ASN B 195 -8.53 30.01 22.42
N PHE B 196 -7.87 28.89 22.68
CA PHE B 196 -8.39 27.89 23.60
C PHE B 196 -8.47 28.45 25.03
N MET C 1 36.15 14.53 6.30
CA MET C 1 34.76 14.29 6.68
C MET C 1 34.62 12.88 7.20
N ARG C 2 33.89 12.72 8.29
CA ARG C 2 33.69 11.39 8.89
C ARG C 2 32.22 11.01 8.96
N PHE C 3 31.91 9.79 8.51
CA PHE C 3 30.53 9.31 8.50
C PHE C 3 30.34 7.94 9.13
N ILE C 4 29.13 7.69 9.64
CA ILE C 4 28.83 6.42 10.27
C ILE C 4 27.93 5.65 9.31
N LEU C 5 28.49 4.70 8.58
CA LEU C 5 27.72 3.91 7.63
C LEU C 5 27.02 2.77 8.36
N THR C 6 25.72 2.62 8.13
CA THR C 6 24.91 1.64 8.85
C THR C 6 23.83 1.04 7.95
N GLY C 7 23.19 0.02 8.49
CA GLY C 7 22.16 -0.72 7.77
C GLY C 7 21.91 -2.05 8.44
N VAL C 8 20.82 -2.69 8.03
CA VAL C 8 20.50 -4.00 8.58
C VAL C 8 21.61 -4.96 8.20
N PRO C 9 21.94 -5.95 9.03
CA PRO C 9 22.98 -6.91 8.67
C PRO C 9 22.50 -7.94 7.68
N GLY C 10 23.44 -8.47 6.90
CA GLY C 10 23.14 -9.48 5.92
C GLY C 10 22.64 -8.95 4.59
N ALA C 11 22.98 -7.70 4.24
CA ALA C 11 22.44 -7.07 3.06
C ALA C 11 23.49 -6.51 2.10
N GLY C 12 24.74 -6.41 2.50
CA GLY C 12 25.79 -5.92 1.63
C GLY C 12 26.56 -4.75 2.21
N LYS C 13 26.30 -4.51 3.48
CA LYS C 13 26.92 -3.36 4.12
C LYS C 13 28.44 -3.50 4.18
N THR C 14 28.99 -4.69 4.17
CA THR C 14 30.44 -4.89 4.14
C THR C 14 31.01 -4.81 2.74
N THR C 15 30.23 -5.26 1.75
CA THR C 15 30.65 -5.11 0.36
C THR C 15 30.86 -3.64 0.01
N VAL C 16 29.97 -2.78 0.48
CA VAL C 16 30.11 -1.35 0.22
C VAL C 16 31.45 -0.85 0.79
N CYS C 17 31.75 -1.23 2.02
CA CYS C 17 32.99 -0.78 2.65
C CYS C 17 34.21 -1.25 1.85
N ASN C 18 34.25 -2.55 1.51
CA ASN C 18 35.41 -3.07 0.81
C ASN C 18 35.58 -2.39 -0.54
N LYS C 19 34.49 -2.24 -1.28
CA LYS C 19 34.56 -1.58 -2.59
C LYS C 19 35.02 -0.14 -2.44
N LEU C 20 34.50 0.56 -1.45
CA LEU C 20 34.92 1.94 -1.21
C LEU C 20 36.42 2.02 -0.97
N ALA C 21 36.95 1.14 -0.12
CA ALA C 21 38.38 1.13 0.14
C ALA C 21 39.18 0.86 -1.12
N GLU C 22 38.67 -0.03 -1.98
CA GLU C 22 39.32 -0.25 -3.28
C GLU C 22 39.32 1.02 -4.12
N LYS C 23 38.25 1.80 -4.04
CA LYS C 23 37.99 2.85 -5.02
C LYS C 23 38.37 4.25 -4.55
N MET C 24 39.16 4.38 -3.48
CA MET C 24 39.48 5.72 -2.98
C MET C 24 40.67 5.62 -2.03
N SER C 25 41.78 6.21 -2.42
CA SER C 25 42.96 6.26 -1.56
C SER C 25 42.85 7.31 -0.47
N ASN C 26 42.03 8.34 -0.68
CA ASN C 26 41.84 9.42 0.29
C ASN C 26 40.85 9.01 1.36
N LEU C 27 40.81 7.73 1.72
CA LEU C 27 39.74 7.25 2.59
C LEU C 27 40.26 6.14 3.50
N SER C 28 39.64 6.04 4.67
CA SER C 28 39.88 4.95 5.61
C SER C 28 38.53 4.39 6.04
N VAL C 29 38.33 3.10 5.82
CA VAL C 29 37.09 2.43 6.14
C VAL C 29 37.37 1.47 7.29
N VAL C 30 36.65 1.63 8.39
CA VAL C 30 36.93 0.87 9.60
C VAL C 30 35.62 0.35 10.20
N ASN C 31 35.63 -0.89 10.65
CA ASN C 31 34.45 -1.52 11.25
C ASN C 31 34.55 -1.42 12.77
N TYR C 32 33.57 -0.76 13.39
CA TYR C 32 33.59 -0.53 14.83
C TYR C 32 33.75 -1.85 15.59
N GLY C 33 33.01 -2.89 15.19
CA GLY C 33 33.10 -4.15 15.88
C GLY C 33 34.49 -4.77 15.81
N ASP C 34 35.15 -4.65 14.65
CA ASP C 34 36.48 -5.22 14.51
C ASP C 34 37.49 -4.51 15.42
N VAL C 35 37.34 -3.20 15.58
CA VAL C 35 38.22 -2.49 16.50
C VAL C 35 37.93 -2.89 17.94
N ILE C 36 36.64 -3.04 18.28
CA ILE C 36 36.28 -3.55 19.60
C ILE C 36 37.00 -4.88 19.85
N PHE C 37 36.99 -5.76 18.87
CA PHE C 37 37.72 -7.02 18.95
C PHE C 37 39.20 -6.76 19.22
N GLU C 38 39.89 -6.15 18.25
CA GLU C 38 41.33 -5.95 18.37
C GLU C 38 41.70 -5.41 19.74
N GLU C 39 40.95 -4.42 20.23
CA GLU C 39 41.31 -3.79 21.50
C GLU C 39 40.94 -4.65 22.70
N ALA C 40 39.91 -5.51 22.58
CA ALA C 40 39.56 -6.38 23.69
C ALA C 40 40.56 -7.51 23.83
N LYS C 41 40.85 -8.21 22.73
CA LYS C 41 41.81 -9.30 22.77
C LYS C 41 43.21 -8.80 23.08
N LYS C 42 43.49 -7.51 22.86
CA LYS C 42 44.75 -6.92 23.30
C LYS C 42 44.84 -6.85 24.83
N LEU C 43 43.69 -6.84 25.51
CA LEU C 43 43.66 -6.75 26.96
C LEU C 43 43.17 -8.02 27.64
N TYR C 44 42.25 -8.75 27.02
CA TYR C 44 41.70 -9.96 27.62
C TYR C 44 41.92 -11.15 26.69
N PRO C 45 43.16 -11.40 26.27
CA PRO C 45 43.41 -12.58 25.41
C PRO C 45 43.02 -13.89 26.07
N SER C 46 42.87 -13.89 27.39
CA SER C 46 42.53 -15.11 28.12
C SER C 46 41.16 -15.63 27.70
N ILE C 47 40.13 -14.81 27.84
CA ILE C 47 38.75 -15.24 27.63
C ILE C 47 38.15 -14.70 26.35
N ILE C 48 38.85 -13.82 25.63
CA ILE C 48 38.35 -13.27 24.36
C ILE C 48 39.33 -13.66 23.27
N GLN C 49 38.93 -14.63 22.44
CA GLN C 49 39.73 -15.08 21.31
C GLN C 49 38.93 -15.22 20.03
N VAL C 50 37.60 -15.08 20.09
CA VAL C 50 36.74 -15.10 18.90
C VAL C 50 35.71 -14.00 19.07
N ARG C 51 35.12 -13.58 17.93
CA ARG C 51 34.17 -12.48 17.94
C ARG C 51 33.02 -12.76 18.90
N GLU C 52 32.25 -13.81 18.63
CA GLU C 52 31.05 -14.11 19.42
C GLU C 52 31.34 -14.26 20.92
N ASP C 53 32.60 -14.22 21.34
CA ASP C 53 32.91 -14.34 22.76
C ASP C 53 32.76 -13.02 23.51
N THR C 54 32.65 -11.88 22.83
CA THR C 54 32.56 -10.61 23.53
C THR C 54 31.40 -10.56 24.51
N ARG C 55 30.42 -11.45 24.38
CA ARG C 55 29.31 -11.49 25.31
C ARG C 55 29.78 -11.66 26.75
N LYS C 56 30.98 -12.21 26.96
CA LYS C 56 31.44 -12.57 28.30
C LYS C 56 31.93 -11.37 29.11
N LEU C 57 32.09 -10.20 28.50
CA LEU C 57 32.64 -9.08 29.25
C LEU C 57 31.54 -8.43 30.11
N PRO C 58 31.86 -8.02 31.33
CA PRO C 58 30.94 -7.16 32.08
C PRO C 58 30.78 -5.83 31.37
N ARG C 59 29.74 -5.10 31.77
CA ARG C 59 29.43 -3.84 31.07
C ARG C 59 30.54 -2.81 31.25
N ALA C 60 31.26 -2.85 32.37
CA ALA C 60 32.35 -1.90 32.60
C ALA C 60 33.46 -2.09 31.57
N ASP C 61 34.03 -3.29 31.52
CA ASP C 61 35.09 -3.59 30.58
C ASP C 61 34.65 -3.33 29.14
N TYR C 62 33.42 -3.75 28.80
CA TYR C 62 32.97 -3.61 27.42
C TYR C 62 32.77 -2.15 27.05
N ARG C 63 32.20 -1.34 27.94
CA ARG C 63 32.07 0.08 27.64
C ARG C 63 33.45 0.72 27.48
N ASN C 64 34.40 0.36 28.34
CA ASN C 64 35.75 0.89 28.18
C ASN C 64 36.36 0.47 26.85
N ILE C 65 36.04 -0.74 26.39
CA ILE C 65 36.56 -1.17 25.08
C ILE C 65 35.93 -0.35 23.96
N GLN C 66 34.64 -0.04 24.08
CA GLN C 66 34.00 0.81 23.07
C GLN C 66 34.66 2.19 23.03
N ILE C 67 34.90 2.78 24.21
CA ILE C 67 35.54 4.09 24.28
C ILE C 67 36.94 4.03 23.67
N GLU C 68 37.71 2.99 24.01
CA GLU C 68 39.07 2.88 23.48
C GLU C 68 39.05 2.69 21.98
N ALA C 69 38.10 1.91 21.45
CA ALA C 69 37.99 1.73 20.01
C ALA C 69 37.68 3.06 19.32
N ALA C 70 36.68 3.79 19.82
CA ALA C 70 36.33 5.07 19.21
C ALA C 70 37.51 6.05 19.28
N LYS C 71 38.29 6.00 20.37
CA LYS C 71 39.46 6.87 20.49
C LYS C 71 40.52 6.48 19.48
N LYS C 72 40.80 5.19 19.34
CA LYS C 72 41.79 4.74 18.37
C LYS C 72 41.37 5.10 16.95
N ILE C 73 40.10 5.06 16.68
CA ILE C 73 39.61 5.43 15.37
C ILE C 73 39.76 6.90 15.08
N SER C 74 39.49 7.69 16.07
CA SER C 74 39.47 9.12 15.93
C SER C 74 40.78 9.70 15.58
N LEU C 75 41.80 8.86 15.50
CA LEU C 75 43.14 9.31 15.18
C LEU C 75 43.39 9.29 13.70
N ILE C 76 42.37 8.94 12.93
CA ILE C 76 42.52 8.87 11.49
C ILE C 76 42.32 10.24 10.87
N THR C 77 43.42 10.78 10.35
CA THR C 77 43.43 12.09 9.72
C THR C 77 42.61 12.19 8.44
N ASP C 78 42.66 11.16 7.62
CA ASP C 78 41.95 11.18 6.36
C ASP C 78 40.48 10.89 6.40
N ASN C 79 39.81 11.15 5.31
CA ASN C 79 38.38 10.83 5.33
C ASN C 79 38.14 9.49 6.01
N LEU C 80 37.02 9.40 6.72
CA LEU C 80 36.75 8.26 7.59
C LEU C 80 35.33 7.77 7.35
N ILE C 81 35.17 6.46 7.20
CA ILE C 81 33.84 5.85 7.17
C ILE C 81 33.82 4.73 8.20
N VAL C 82 32.96 4.86 9.20
CA VAL C 82 32.86 3.93 10.31
C VAL C 82 31.65 3.04 10.05
N ASP C 83 31.92 1.78 9.79
CA ASP C 83 30.89 0.77 9.59
C ASP C 83 30.40 0.26 10.93
N THR C 84 29.08 0.27 11.13
CA THR C 84 28.50 -0.23 12.38
C THR C 84 27.01 -0.42 12.19
N HIS C 85 26.30 -0.59 13.31
CA HIS C 85 24.85 -0.81 13.30
C HIS C 85 24.17 0.28 14.13
N MET C 86 22.98 0.68 13.69
CA MET C 86 22.19 1.63 14.47
C MET C 86 21.48 0.94 15.62
N SER C 87 20.88 -0.21 15.36
CA SER C 87 20.13 -0.94 16.38
C SER C 87 20.24 -2.43 16.11
N LEU C 88 20.24 -3.20 17.19
CA LEU C 88 20.38 -4.65 17.14
C LEU C 88 19.15 -5.28 17.78
N LYS C 89 18.45 -6.12 17.02
CA LYS C 89 17.26 -6.77 17.55
C LYS C 89 17.65 -7.83 18.58
N THR C 90 16.88 -7.91 19.65
CA THR C 90 17.15 -8.83 20.75
C THR C 90 15.84 -9.42 21.27
N PRO C 91 15.90 -10.38 22.19
CA PRO C 91 14.67 -10.84 22.85
C PRO C 91 14.01 -9.77 23.69
N TYR C 92 14.71 -8.66 23.99
CA TYR C 92 14.16 -7.54 24.73
C TYR C 92 13.80 -6.36 23.83
N GLY C 93 13.91 -6.53 22.52
CA GLY C 93 13.69 -5.44 21.59
C GLY C 93 15.00 -4.90 21.04
N PHE C 94 14.87 -3.80 20.31
CA PHE C 94 16.04 -3.15 19.72
C PHE C 94 16.86 -2.45 20.79
N TYR C 95 18.18 -2.45 20.60
CA TYR C 95 19.09 -1.75 21.47
C TYR C 95 20.04 -0.91 20.63
N PRO C 96 20.38 0.31 21.06
CA PRO C 96 21.28 1.15 20.26
C PRO C 96 22.62 0.46 20.00
N GLY C 97 23.05 0.52 18.75
CA GLY C 97 24.38 0.07 18.39
C GLY C 97 25.47 1.08 18.62
N LEU C 98 25.13 2.23 19.19
CA LEU C 98 26.08 3.29 19.48
C LEU C 98 25.79 3.85 20.87
N ILE C 99 26.84 4.18 21.60
CA ILE C 99 26.70 4.86 22.89
C ILE C 99 27.02 6.33 22.66
N PRO C 100 26.32 7.27 23.34
CA PRO C 100 26.58 8.70 23.11
C PRO C 100 28.05 9.03 23.04
N GLU C 101 28.84 8.34 23.87
CA GLU C 101 30.28 8.59 23.90
C GLU C 101 30.88 8.44 22.51
N THR C 102 30.76 7.26 21.91
CA THR C 102 31.25 7.05 20.55
C THR C 102 31.05 8.26 19.65
N ILE C 103 29.85 8.74 19.63
CA ILE C 103 29.52 9.85 18.81
C ILE C 103 30.26 11.04 19.21
N ASN C 104 30.46 11.25 20.49
CA ASN C 104 31.22 12.40 20.89
C ASN C 104 32.64 12.25 20.53
N ILE C 105 33.22 11.12 20.84
CA ILE C 105 34.62 10.94 20.56
C ILE C 105 34.92 11.06 19.10
N ILE C 106 34.22 10.34 18.27
CA ILE C 106 34.39 10.46 16.83
C ILE C 106 33.95 11.74 16.19
N GLN C 107 32.93 12.40 16.68
CA GLN C 107 32.57 13.62 16.03
C GLN C 107 32.28 13.37 14.57
N PRO C 108 31.37 12.46 14.29
CA PRO C 108 31.08 12.17 12.89
C PRO C 108 30.31 13.30 12.21
N ASP C 109 30.65 13.57 10.95
CA ASP C 109 29.99 14.59 10.19
C ASP C 109 28.58 14.24 9.91
N GLY C 110 28.33 12.97 9.69
CA GLY C 110 27.00 12.46 9.41
C GLY C 110 26.84 10.97 9.64
N ILE C 111 25.61 10.51 9.38
CA ILE C 111 25.25 9.10 9.46
C ILE C 111 24.64 8.69 8.13
N ILE C 112 25.24 7.68 7.50
CA ILE C 112 24.74 7.13 6.25
C ILE C 112 23.92 5.89 6.56
N LEU C 113 22.73 5.81 6.00
CA LEU C 113 21.84 4.65 6.10
C LEU C 113 21.75 3.98 4.75
N LEU C 114 21.87 2.66 4.74
CA LEU C 114 21.70 1.86 3.51
C LEU C 114 20.37 1.12 3.64
N GLU C 115 19.37 1.54 2.86
CA GLU C 115 18.02 0.99 2.98
C GLU C 115 17.77 0.03 1.83
N PHE C 116 17.77 -1.27 2.14
CA PHE C 116 17.57 -2.32 1.15
C PHE C 116 16.10 -2.71 1.05
N ASN C 117 15.79 -3.52 0.04
CA ASN C 117 14.49 -4.18 -0.06
C ASN C 117 14.52 -5.46 0.78
N PRO C 118 13.51 -5.69 1.63
CA PRO C 118 13.56 -6.86 2.52
C PRO C 118 13.88 -8.22 1.89
N ARG C 119 13.26 -8.55 0.75
CA ARG C 119 13.57 -9.80 0.08
C ARG C 119 15.05 -9.96 -0.27
N ASP C 120 15.65 -8.88 -0.78
CA ASP C 120 17.07 -8.91 -1.08
C ASP C 120 17.70 -9.36 0.22
N VAL C 121 17.40 -8.66 1.32
CA VAL C 121 18.07 -8.92 2.60
C VAL C 121 17.98 -10.41 2.94
N ILE C 122 16.77 -10.98 2.85
CA ILE C 122 16.61 -12.37 3.22
C ILE C 122 17.37 -13.28 2.25
N ALA C 123 17.32 -12.98 0.95
CA ALA C 123 18.02 -13.81 -0.03
C ALA C 123 19.52 -13.84 0.20
N ARG C 124 20.06 -12.67 0.51
CA ARG C 124 21.48 -12.51 0.81
C ARG C 124 21.86 -13.28 2.06
N ARG C 125 20.99 -13.23 3.07
CA ARG C 125 21.24 -13.90 4.34
C ARG C 125 21.23 -15.40 4.10
N GLU C 126 20.34 -15.88 3.24
CA GLU C 126 20.32 -17.29 2.89
C GLU C 126 21.60 -17.70 2.16
N LYS C 127 21.96 -16.96 1.11
CA LYS C 127 23.17 -17.28 0.36
C LYS C 127 24.41 -17.21 1.24
N ASP C 128 24.45 -16.29 2.18
CA ASP C 128 25.57 -16.16 3.10
C ASP C 128 25.54 -17.23 4.17
N ARG C 129 24.36 -17.78 4.49
CA ARG C 129 24.27 -18.91 5.41
C ARG C 129 24.80 -20.18 4.76
N LEU C 130 24.50 -20.38 3.48
CA LEU C 130 24.91 -21.62 2.82
C LEU C 130 26.41 -21.69 2.60
N ALA C 131 27.12 -20.57 2.59
CA ALA C 131 28.56 -20.56 2.43
C ALA C 131 29.31 -20.75 3.75
N GLY C 132 28.66 -21.36 4.75
CA GLY C 132 29.29 -21.60 6.03
C GLY C 132 29.64 -20.35 6.81
N LYS C 133 29.11 -19.20 6.39
CA LYS C 133 29.40 -17.92 7.03
C LYS C 133 28.27 -17.46 7.96
N ARG C 134 27.44 -18.39 8.44
CA ARG C 134 26.38 -18.03 9.36
C ARG C 134 25.78 -19.29 10.01
N MET C 139 15.99 -15.92 10.29
CA MET C 139 14.59 -16.30 10.27
C MET C 139 13.65 -15.11 10.07
N GLU C 140 14.22 -13.90 10.12
CA GLU C 140 13.41 -12.69 10.00
C GLU C 140 12.59 -12.69 8.72
N SER C 141 11.45 -12.00 8.78
CA SER C 141 10.58 -11.84 7.64
C SER C 141 10.72 -10.43 7.08
N GLU C 142 10.03 -10.17 5.97
CA GLU C 142 10.13 -8.87 5.33
C GLU C 142 9.55 -7.78 6.22
N THR C 143 8.50 -8.08 6.98
CA THR C 143 7.94 -7.12 7.91
C THR C 143 8.97 -6.75 8.98
N ASP C 144 9.66 -7.75 9.54
CA ASP C 144 10.67 -7.48 10.56
C ASP C 144 11.77 -6.60 10.02
N ILE C 145 12.17 -6.81 8.76
CA ILE C 145 13.23 -6.00 8.17
C ILE C 145 12.76 -4.58 7.95
N LEU C 146 11.52 -4.41 7.48
CA LEU C 146 10.96 -3.07 7.33
C LEU C 146 10.94 -2.35 8.68
N LEU C 147 10.49 -3.03 9.73
CA LEU C 147 10.48 -2.42 11.06
C LEU C 147 11.88 -2.04 11.50
N HIS C 148 12.85 -2.93 11.31
CA HIS C 148 14.22 -2.66 11.72
C HIS C 148 14.76 -1.42 11.01
N GLN C 149 14.52 -1.33 9.70
CA GLN C 149 15.02 -0.17 8.95
C GLN C 149 14.32 1.11 9.38
N GLN C 150 13.02 1.05 9.68
CA GLN C 150 12.32 2.25 10.15
C GLN C 150 12.88 2.71 11.49
N VAL C 151 13.09 1.77 12.41
CA VAL C 151 13.67 2.12 13.70
C VAL C 151 15.08 2.68 13.53
N ASN C 152 15.82 2.17 12.53
CA ASN C 152 17.14 2.72 12.27
C ASN C 152 17.05 4.17 11.79
N ARG C 153 16.11 4.45 10.90
CA ARG C 153 15.82 5.83 10.52
C ARG C 153 15.59 6.70 11.75
N MET C 154 14.73 6.21 12.66
CA MET C 154 14.41 6.99 13.84
C MET C 154 15.64 7.21 14.73
N PHE C 155 16.49 6.19 14.86
CA PHE C 155 17.71 6.34 15.64
C PHE C 155 18.64 7.38 15.03
N ALA C 156 18.81 7.33 13.70
CA ALA C 156 19.65 8.33 13.03
C ALA C 156 19.11 9.73 13.26
N VAL C 157 17.79 9.91 13.15
CA VAL C 157 17.21 11.23 13.35
C VAL C 157 17.40 11.70 14.79
N SER C 158 17.23 10.80 15.76
CA SER C 158 17.45 11.17 17.15
C SER C 158 18.90 11.61 17.37
N TYR C 159 19.85 10.81 16.89
CA TYR C 159 21.26 11.15 17.07
C TYR C 159 21.58 12.49 16.40
N SER C 160 20.95 12.77 15.25
CA SER C 160 21.18 14.05 14.60
C SER C 160 20.64 15.20 15.44
N ALA C 161 19.41 15.07 15.91
CA ALA C 161 18.83 16.11 16.76
C ALA C 161 19.68 16.38 17.98
N ILE C 162 20.34 15.34 18.52
CA ILE C 162 21.10 15.52 19.75
C ILE C 162 22.49 16.08 19.47
N ASN C 163 23.12 15.65 18.37
CA ASN C 163 24.53 15.94 18.12
C ASN C 163 24.76 16.85 16.92
N GLN C 164 23.71 17.23 16.20
CA GLN C 164 23.84 18.08 15.02
C GLN C 164 24.74 17.46 13.96
N CYS C 165 24.21 16.46 13.23
CA CYS C 165 24.96 15.82 12.16
C CYS C 165 24.00 15.48 11.03
N TYR C 166 24.57 15.27 9.84
CA TYR C 166 23.77 14.94 8.67
C TYR C 166 23.16 13.54 8.80
N VAL C 167 22.08 13.32 8.05
CA VAL C 167 21.43 12.01 7.98
C VAL C 167 21.19 11.73 6.50
N LYS C 168 22.10 10.95 5.89
CA LYS C 168 22.07 10.64 4.47
C LYS C 168 21.50 9.24 4.27
N ILE C 169 20.35 9.16 3.63
CA ILE C 169 19.68 7.88 3.38
C ILE C 169 19.90 7.50 1.93
N ILE C 170 20.37 6.28 1.69
CA ILE C 170 20.68 5.78 0.35
C ILE C 170 19.72 4.65 0.04
N ASP C 171 19.01 4.81 -1.09
CA ASP C 171 17.92 3.92 -1.48
C ASP C 171 18.48 2.79 -2.33
N LEU C 172 18.44 1.57 -1.80
CA LEU C 172 18.82 0.36 -2.53
C LEU C 172 17.64 -0.58 -2.65
N THR C 173 16.42 -0.02 -2.70
CA THR C 173 15.20 -0.80 -2.80
C THR C 173 14.89 -1.23 -4.23
N TRP C 174 15.54 -0.65 -5.23
CA TRP C 174 15.20 -0.90 -6.62
C TRP C 174 15.73 -2.25 -7.10
N PRO C 175 15.16 -2.78 -8.19
CA PRO C 175 15.67 -4.05 -8.73
C PRO C 175 17.02 -3.89 -9.40
N GLN C 176 17.86 -4.91 -9.25
CA GLN C 176 19.22 -4.89 -9.79
C GLN C 176 19.26 -5.49 -11.19
N GLU C 177 19.89 -4.77 -12.11
CA GLU C 177 20.19 -5.35 -13.42
C GLU C 177 21.10 -6.56 -13.28
N TYR C 178 22.25 -6.36 -12.63
CA TYR C 178 23.20 -7.42 -12.34
C TYR C 178 23.48 -7.42 -10.84
N GLU C 179 23.91 -8.57 -10.33
CA GLU C 179 24.24 -8.66 -8.92
C GLU C 179 25.34 -7.68 -8.57
N PHE C 180 25.26 -7.12 -7.37
CA PHE C 180 26.22 -6.14 -6.85
C PHE C 180 26.13 -4.80 -7.55
N GLN C 181 24.97 -4.49 -8.15
CA GLN C 181 24.76 -3.13 -8.66
C GLN C 181 24.41 -2.18 -7.52
N HIS C 182 23.77 -2.69 -6.46
CA HIS C 182 23.52 -1.88 -5.28
C HIS C 182 24.83 -1.37 -4.68
N THR C 183 25.86 -2.23 -4.60
CA THR C 183 27.14 -1.79 -4.07
C THR C 183 27.77 -0.74 -4.96
N GLU C 184 27.71 -0.93 -6.29
CA GLU C 184 28.18 0.09 -7.22
C GLU C 184 27.51 1.42 -6.94
N TYR C 185 26.18 1.42 -6.86
CA TYR C 185 25.43 2.65 -6.65
C TYR C 185 25.81 3.31 -5.34
N ALA C 186 25.87 2.53 -4.25
CA ALA C 186 26.16 3.10 -2.94
C ALA C 186 27.57 3.67 -2.89
N VAL C 187 28.55 2.91 -3.41
CA VAL C 187 29.93 3.38 -3.44
C VAL C 187 30.03 4.70 -4.19
N ASN C 188 29.42 4.75 -5.38
CA ASN C 188 29.52 5.96 -6.19
C ASN C 188 28.83 7.14 -5.51
N LYS C 189 27.66 6.90 -4.89
CA LYS C 189 26.98 7.97 -4.19
C LYS C 189 27.83 8.51 -3.04
N ILE C 190 28.45 7.62 -2.28
CA ILE C 190 29.25 8.06 -1.15
C ILE C 190 30.47 8.84 -1.63
N ILE C 191 31.17 8.34 -2.65
CA ILE C 191 32.32 9.07 -3.19
C ILE C 191 31.89 10.45 -3.66
N GLU C 192 30.82 10.52 -4.45
CA GLU C 192 30.28 11.81 -4.86
C GLU C 192 30.10 12.71 -3.64
N MET C 193 29.56 12.15 -2.56
CA MET C 193 29.38 12.94 -1.34
C MET C 193 30.72 13.47 -0.83
N LEU C 194 31.77 12.67 -0.91
CA LEU C 194 33.06 13.07 -0.39
C LEU C 194 33.75 14.09 -1.28
N ASN C 195 33.70 13.89 -2.60
CA ASN C 195 34.45 14.73 -3.53
C ASN C 195 33.69 15.97 -3.97
N PHE C 196 32.71 16.42 -3.18
CA PHE C 196 31.90 17.57 -3.56
C PHE C 196 32.54 18.87 -3.09
N MET D 1 -5.39 2.15 -38.18
CA MET D 1 -5.60 1.43 -36.89
C MET D 1 -6.85 1.94 -36.19
N ARG D 2 -7.53 1.04 -35.47
CA ARG D 2 -8.75 1.37 -34.77
C ARG D 2 -8.57 1.09 -33.28
N PHE D 3 -8.64 2.15 -32.49
CA PHE D 3 -8.56 2.06 -31.04
C PHE D 3 -9.78 2.71 -30.41
N ILE D 4 -10.33 2.04 -29.41
CA ILE D 4 -11.40 2.61 -28.60
C ILE D 4 -10.76 3.25 -27.37
N LEU D 5 -10.92 4.57 -27.24
CA LEU D 5 -10.30 5.30 -26.15
C LEU D 5 -11.30 5.45 -25.01
N THR D 6 -10.86 5.14 -23.80
CA THR D 6 -11.77 5.08 -22.66
C THR D 6 -11.10 5.65 -21.42
N GLY D 7 -11.96 6.04 -20.47
CA GLY D 7 -11.49 6.62 -19.23
C GLY D 7 -12.68 7.03 -18.38
N VAL D 8 -12.39 7.26 -17.11
CA VAL D 8 -13.43 7.71 -16.18
C VAL D 8 -13.83 9.12 -16.59
N PRO D 9 -15.09 9.51 -16.38
CA PRO D 9 -15.50 10.87 -16.79
C PRO D 9 -14.80 11.94 -15.98
N GLY D 10 -14.57 13.07 -16.65
CA GLY D 10 -14.10 14.27 -15.98
C GLY D 10 -12.65 14.28 -15.57
N ALA D 11 -11.80 13.49 -16.25
CA ALA D 11 -10.39 13.46 -15.93
C ALA D 11 -9.50 13.98 -17.05
N GLY D 12 -10.01 14.08 -18.28
CA GLY D 12 -9.23 14.63 -19.37
C GLY D 12 -9.31 13.82 -20.65
N LYS D 13 -10.33 12.97 -20.76
CA LYS D 13 -10.45 12.12 -21.95
C LYS D 13 -10.79 12.96 -23.18
N THR D 14 -11.85 13.77 -23.09
CA THR D 14 -12.25 14.60 -24.22
C THR D 14 -11.14 15.59 -24.59
N THR D 15 -10.39 16.08 -23.60
CA THR D 15 -9.24 16.93 -23.90
C THR D 15 -8.22 16.19 -24.76
N VAL D 16 -7.88 14.96 -24.36
CA VAL D 16 -6.95 14.16 -25.13
C VAL D 16 -7.47 13.96 -26.55
N CYS D 17 -8.76 13.70 -26.68
CA CYS D 17 -9.34 13.48 -28.00
C CYS D 17 -9.24 14.73 -28.87
N ASN D 18 -9.56 15.88 -28.30
CA ASN D 18 -9.49 17.13 -29.06
C ASN D 18 -8.06 17.41 -29.51
N LYS D 19 -7.10 17.28 -28.59
CA LYS D 19 -5.71 17.54 -28.96
C LYS D 19 -5.20 16.54 -29.97
N LEU D 20 -5.67 15.28 -29.90
CA LEU D 20 -5.33 14.29 -30.90
C LEU D 20 -5.83 14.72 -32.28
N ALA D 21 -7.13 15.03 -32.36
CA ALA D 21 -7.71 15.45 -33.64
C ALA D 21 -7.02 16.69 -34.17
N GLU D 22 -6.53 17.57 -33.30
CA GLU D 22 -5.87 18.78 -33.75
C GLU D 22 -4.43 18.54 -34.22
N LYS D 23 -3.74 17.56 -33.63
CA LYS D 23 -2.32 17.37 -33.91
C LYS D 23 -2.06 16.46 -35.12
N MET D 24 -2.86 15.42 -35.30
CA MET D 24 -2.56 14.38 -36.28
C MET D 24 -3.55 14.40 -37.43
N SER D 25 -3.06 14.15 -38.63
CA SER D 25 -3.86 14.09 -39.84
C SER D 25 -4.15 12.64 -40.21
N ASN D 26 -5.17 12.46 -41.05
CA ASN D 26 -5.65 11.13 -41.41
C ASN D 26 -6.14 10.37 -40.17
N LEU D 27 -6.78 11.11 -39.25
CA LEU D 27 -7.31 10.54 -38.02
C LEU D 27 -8.71 11.08 -37.80
N SER D 28 -9.64 10.20 -37.45
CA SER D 28 -11.00 10.58 -37.12
C SER D 28 -11.28 10.15 -35.69
N VAL D 29 -11.61 11.10 -34.82
CA VAL D 29 -12.00 10.81 -33.44
C VAL D 29 -13.50 11.06 -33.33
N VAL D 30 -14.24 10.04 -32.91
CA VAL D 30 -15.69 10.09 -32.89
C VAL D 30 -16.17 9.67 -31.51
N ASN D 31 -17.11 10.43 -30.94
CA ASN D 31 -17.72 10.08 -29.67
C ASN D 31 -18.92 9.18 -29.95
N TYR D 32 -18.85 7.94 -29.46
CA TYR D 32 -19.95 7.00 -29.63
C TYR D 32 -21.27 7.57 -29.13
N GLY D 33 -21.22 8.27 -27.99
CA GLY D 33 -22.43 8.85 -27.43
C GLY D 33 -23.06 9.88 -28.35
N ASP D 34 -22.24 10.65 -29.06
CA ASP D 34 -22.78 11.64 -30.00
C ASP D 34 -23.53 10.95 -31.13
N VAL D 35 -22.93 9.90 -31.70
CA VAL D 35 -23.61 9.16 -32.76
C VAL D 35 -24.92 8.60 -32.25
N ILE D 36 -24.93 8.07 -31.02
CA ILE D 36 -26.18 7.56 -30.46
C ILE D 36 -27.21 8.68 -30.34
N PHE D 37 -26.79 9.85 -29.83
CA PHE D 37 -27.70 11.00 -29.73
C PHE D 37 -28.33 11.32 -31.08
N GLU D 38 -27.53 11.25 -32.15
CA GLU D 38 -28.05 11.62 -33.47
C GLU D 38 -28.91 10.53 -34.10
N GLU D 39 -29.52 9.66 -33.27
CA GLU D 39 -30.43 8.65 -33.78
C GLU D 39 -31.77 8.66 -33.05
N ALA D 40 -31.76 8.99 -31.75
CA ALA D 40 -33.01 9.17 -31.03
C ALA D 40 -33.78 10.36 -31.60
N LYS D 41 -33.06 11.42 -31.99
CA LYS D 41 -33.71 12.55 -32.65
C LYS D 41 -34.13 12.20 -34.07
N LYS D 42 -33.49 11.21 -34.69
CA LYS D 42 -33.90 10.78 -36.02
C LYS D 42 -35.20 10.00 -35.97
N LEU D 43 -35.21 8.89 -35.24
CA LEU D 43 -36.38 8.01 -35.25
C LEU D 43 -37.48 8.51 -34.32
N TYR D 44 -37.15 9.27 -33.28
CA TYR D 44 -38.09 9.62 -32.24
C TYR D 44 -38.01 11.10 -31.86
N PRO D 45 -37.89 12.01 -32.83
CA PRO D 45 -37.76 13.43 -32.44
C PRO D 45 -38.98 13.98 -31.72
N SER D 46 -40.17 13.74 -32.27
CA SER D 46 -41.38 14.36 -31.73
C SER D 46 -41.69 13.88 -30.31
N ILE D 47 -41.26 12.68 -29.95
CA ILE D 47 -41.54 12.17 -28.61
C ILE D 47 -40.44 12.54 -27.62
N ILE D 48 -39.18 12.46 -28.03
CA ILE D 48 -38.04 12.63 -27.12
C ILE D 48 -36.80 13.02 -27.91
N GLN D 49 -36.07 14.05 -27.46
CA GLN D 49 -35.04 14.63 -28.33
C GLN D 49 -33.84 15.24 -27.61
N VAL D 50 -33.53 14.84 -26.38
CA VAL D 50 -32.27 15.23 -25.76
C VAL D 50 -31.62 13.97 -25.18
N ARG D 51 -30.31 14.08 -24.97
CA ARG D 51 -29.54 12.92 -24.51
C ARG D 51 -30.06 12.42 -23.17
N GLU D 52 -30.26 13.32 -22.20
CA GLU D 52 -30.82 12.91 -20.92
C GLU D 52 -32.17 12.24 -21.09
N ASP D 53 -32.90 12.57 -22.15
CA ASP D 53 -34.17 11.91 -22.46
C ASP D 53 -33.96 10.55 -23.10
N THR D 54 -32.75 10.27 -23.60
CA THR D 54 -32.46 8.98 -24.22
C THR D 54 -32.86 7.82 -23.33
N ARG D 55 -32.76 7.98 -22.00
CA ARG D 55 -33.06 6.89 -21.09
C ARG D 55 -34.52 6.48 -21.15
N LYS D 56 -35.42 7.37 -21.56
CA LYS D 56 -36.85 7.05 -21.56
C LYS D 56 -37.16 5.89 -22.50
N LEU D 57 -36.47 5.82 -23.63
CA LEU D 57 -36.76 4.83 -24.66
C LEU D 57 -36.45 3.42 -24.16
N PRO D 58 -37.17 2.40 -24.65
CA PRO D 58 -36.96 1.05 -24.12
C PRO D 58 -35.54 0.55 -24.35
N ARG D 59 -35.20 -0.51 -23.62
CA ARG D 59 -33.82 -1.00 -23.62
C ARG D 59 -33.41 -1.51 -25.00
N ALA D 60 -34.26 -2.33 -25.62
CA ALA D 60 -33.89 -2.97 -26.88
C ALA D 60 -33.80 -1.96 -28.02
N ASP D 61 -34.59 -0.88 -27.98
CA ASP D 61 -34.48 0.13 -29.02
C ASP D 61 -33.18 0.93 -28.89
N TYR D 62 -32.86 1.36 -27.67
CA TYR D 62 -31.54 1.95 -27.43
C TYR D 62 -30.44 1.01 -27.87
N ARG D 63 -30.65 -0.29 -27.68
CA ARG D 63 -29.73 -1.30 -28.18
C ARG D 63 -29.56 -1.19 -29.70
N ASN D 64 -30.67 -1.28 -30.43
CA ASN D 64 -30.65 -1.12 -31.88
C ASN D 64 -29.89 0.13 -32.29
N ILE D 65 -30.13 1.24 -31.60
CA ILE D 65 -29.44 2.48 -31.92
C ILE D 65 -27.93 2.31 -31.72
N GLN D 66 -27.53 1.68 -30.61
CA GLN D 66 -26.11 1.41 -30.39
C GLN D 66 -25.51 0.64 -31.56
N ILE D 67 -26.22 -0.39 -32.02
CA ILE D 67 -25.66 -1.28 -33.04
C ILE D 67 -25.52 -0.53 -34.37
N GLU D 68 -26.57 0.17 -34.80
CA GLU D 68 -26.49 0.88 -36.07
C GLU D 68 -25.53 2.07 -35.99
N ALA D 69 -25.39 2.68 -34.80
CA ALA D 69 -24.39 3.73 -34.61
C ALA D 69 -22.99 3.16 -34.77
N ALA D 70 -22.74 1.98 -34.20
CA ALA D 70 -21.46 1.30 -34.43
C ALA D 70 -21.25 1.05 -35.91
N LYS D 71 -22.29 0.61 -36.63
CA LYS D 71 -22.17 0.41 -38.07
C LYS D 71 -21.71 1.69 -38.75
N LYS D 72 -22.43 2.83 -38.52
CA LYS D 72 -22.06 4.10 -39.13
C LYS D 72 -20.63 4.47 -38.78
N ILE D 73 -20.20 4.22 -37.51
CA ILE D 73 -18.84 4.58 -37.11
C ILE D 73 -17.81 3.70 -37.81
N SER D 74 -18.18 2.47 -38.17
CA SER D 74 -17.25 1.59 -38.85
C SER D 74 -17.04 1.97 -40.30
N LEU D 75 -18.00 2.70 -40.90
CA LEU D 75 -17.84 3.15 -42.27
C LEU D 75 -16.55 3.95 -42.45
N ILE D 76 -16.05 4.57 -41.37
CA ILE D 76 -14.84 5.38 -41.48
C ILE D 76 -13.69 4.50 -41.94
N THR D 77 -12.85 5.05 -42.81
CA THR D 77 -11.85 4.29 -43.52
C THR D 77 -10.43 4.48 -43.02
N ASP D 78 -10.18 5.54 -42.26
CA ASP D 78 -8.84 5.90 -41.84
C ASP D 78 -8.64 5.54 -40.37
N ASN D 79 -7.48 5.91 -39.83
CA ASN D 79 -7.22 5.73 -38.41
C ASN D 79 -8.35 6.32 -37.59
N LEU D 80 -8.80 5.58 -36.60
CA LEU D 80 -10.03 5.89 -35.87
C LEU D 80 -9.81 5.80 -34.37
N ILE D 81 -10.34 6.76 -33.65
CA ILE D 81 -10.34 6.77 -32.18
C ILE D 81 -11.79 6.93 -31.73
N VAL D 82 -12.33 5.88 -31.12
CA VAL D 82 -13.71 5.86 -30.68
C VAL D 82 -13.72 6.27 -29.21
N ASP D 83 -14.04 7.54 -28.96
CA ASP D 83 -14.21 8.07 -27.61
C ASP D 83 -15.46 7.45 -27.00
N THR D 84 -15.31 6.80 -25.86
CA THR D 84 -16.45 6.16 -25.19
C THR D 84 -16.02 5.70 -23.81
N HIS D 85 -16.98 5.19 -23.05
CA HIS D 85 -16.74 4.69 -21.70
C HIS D 85 -16.88 3.18 -21.68
N MET D 86 -16.04 2.51 -20.90
CA MET D 86 -16.23 1.09 -20.63
C MET D 86 -17.42 0.88 -19.70
N SER D 87 -17.39 1.52 -18.54
CA SER D 87 -18.47 1.47 -17.58
C SER D 87 -18.88 2.87 -17.21
N LEU D 88 -20.12 2.99 -16.74
CA LEU D 88 -20.65 4.24 -16.23
C LEU D 88 -21.35 3.96 -14.91
N LYS D 89 -21.03 4.76 -13.88
CA LYS D 89 -21.65 4.60 -12.58
C LYS D 89 -23.09 5.12 -12.64
N THR D 90 -23.96 4.45 -11.90
CA THR D 90 -25.38 4.79 -11.87
C THR D 90 -25.95 4.29 -10.56
N PRO D 91 -27.12 4.77 -10.14
CA PRO D 91 -27.69 4.30 -8.86
C PRO D 91 -27.85 2.77 -8.79
N TYR D 92 -27.77 2.06 -9.91
CA TYR D 92 -27.92 0.61 -9.93
C TYR D 92 -26.58 -0.12 -10.02
N GLY D 93 -25.47 0.59 -9.90
CA GLY D 93 -24.15 0.02 -10.07
C GLY D 93 -23.45 0.55 -11.31
N PHE D 94 -22.43 -0.18 -11.73
CA PHE D 94 -21.75 0.13 -12.98
C PHE D 94 -22.49 -0.53 -14.13
N TYR D 95 -22.59 0.17 -15.25
CA TYR D 95 -23.23 -0.38 -16.44
C TYR D 95 -22.27 -0.31 -17.61
N PRO D 96 -22.18 -1.35 -18.43
CA PRO D 96 -21.24 -1.32 -19.56
C PRO D 96 -21.62 -0.26 -20.58
N GLY D 97 -20.71 0.69 -20.81
CA GLY D 97 -20.90 1.64 -21.89
C GLY D 97 -20.85 1.03 -23.27
N LEU D 98 -20.38 -0.21 -23.38
CA LEU D 98 -20.27 -0.89 -24.65
C LEU D 98 -21.22 -2.08 -24.69
N ILE D 99 -21.39 -2.62 -25.89
CA ILE D 99 -22.07 -3.89 -26.10
C ILE D 99 -21.16 -4.69 -27.03
N PRO D 100 -21.15 -6.02 -26.96
CA PRO D 100 -20.27 -6.78 -27.86
C PRO D 100 -20.46 -6.42 -29.33
N GLU D 101 -21.65 -5.96 -29.73
CA GLU D 101 -21.85 -5.56 -31.12
C GLU D 101 -20.94 -4.39 -31.48
N THR D 102 -20.79 -3.42 -30.57
CA THR D 102 -19.88 -2.31 -30.79
C THR D 102 -18.47 -2.79 -31.10
N ILE D 103 -18.10 -3.99 -30.65
CA ILE D 103 -16.78 -4.55 -30.93
C ILE D 103 -16.78 -5.34 -32.23
N ASN D 104 -17.84 -6.09 -32.48
CA ASN D 104 -17.92 -6.91 -33.69
C ASN D 104 -18.35 -6.12 -34.92
N ILE D 105 -18.70 -4.84 -34.77
CA ILE D 105 -19.01 -4.02 -35.91
C ILE D 105 -17.92 -3.00 -36.20
N ILE D 106 -17.15 -2.59 -35.19
CA ILE D 106 -16.07 -1.64 -35.36
C ILE D 106 -14.76 -2.42 -35.50
N GLN D 107 -14.70 -3.61 -34.90
CA GLN D 107 -13.53 -4.47 -34.95
C GLN D 107 -12.27 -3.68 -34.63
N PRO D 108 -12.12 -3.18 -33.40
CA PRO D 108 -11.00 -2.29 -33.10
C PRO D 108 -9.69 -3.06 -32.98
N ASP D 109 -8.62 -2.41 -33.46
CA ASP D 109 -7.29 -2.97 -33.23
C ASP D 109 -6.98 -3.05 -31.75
N GLY D 110 -7.56 -2.18 -30.93
CA GLY D 110 -7.32 -2.27 -29.50
C GLY D 110 -8.20 -1.34 -28.70
N ILE D 111 -8.09 -1.48 -27.38
CA ILE D 111 -8.78 -0.63 -26.42
C ILE D 111 -7.72 0.03 -25.54
N ILE D 112 -7.78 1.36 -25.44
CA ILE D 112 -6.85 2.15 -24.64
C ILE D 112 -7.61 2.67 -23.43
N LEU D 113 -7.02 2.52 -22.24
CA LEU D 113 -7.60 3.01 -20.99
C LEU D 113 -6.67 4.05 -20.40
N LEU D 114 -7.18 5.26 -20.18
CA LEU D 114 -6.43 6.31 -19.50
C LEU D 114 -6.68 6.17 -18.00
N GLU D 115 -5.63 5.89 -17.22
CA GLU D 115 -5.79 5.67 -15.78
C GLU D 115 -5.15 6.82 -15.02
N PHE D 116 -5.98 7.58 -14.29
CA PHE D 116 -5.55 8.78 -13.60
C PHE D 116 -5.35 8.50 -12.11
N ASN D 117 -4.87 9.53 -11.40
CA ASN D 117 -4.89 9.52 -9.94
C ASN D 117 -6.22 10.11 -9.46
N PRO D 118 -6.90 9.49 -8.48
CA PRO D 118 -8.24 9.98 -8.12
C PRO D 118 -8.26 11.42 -7.66
N ARG D 119 -7.21 11.88 -6.96
CA ARG D 119 -7.13 13.27 -6.57
C ARG D 119 -7.28 14.19 -7.78
N ASP D 120 -6.52 13.89 -8.84
CA ASP D 120 -6.64 14.65 -10.08
C ASP D 120 -8.08 14.64 -10.58
N VAL D 121 -8.71 13.48 -10.63
CA VAL D 121 -10.07 13.39 -11.16
C VAL D 121 -11.02 14.26 -10.36
N ILE D 122 -10.93 14.23 -9.03
CA ILE D 122 -11.82 15.02 -8.19
C ILE D 122 -11.59 16.51 -8.44
N ALA D 123 -10.33 16.92 -8.46
CA ALA D 123 -10.00 18.32 -8.72
C ALA D 123 -10.57 18.77 -10.05
N ARG D 124 -10.40 17.94 -11.08
CA ARG D 124 -10.90 18.25 -12.41
C ARG D 124 -12.42 18.39 -12.48
N ARG D 125 -13.13 17.48 -11.81
CA ARG D 125 -14.59 17.52 -11.82
C ARG D 125 -15.10 18.76 -11.10
N GLU D 126 -14.51 19.10 -9.95
CA GLU D 126 -14.97 20.30 -9.24
C GLU D 126 -14.62 21.56 -10.04
N LYS D 127 -13.40 21.61 -10.59
CA LYS D 127 -13.03 22.68 -11.52
C LYS D 127 -14.12 22.90 -12.55
N ASP D 128 -14.64 21.81 -13.13
CA ASP D 128 -15.65 21.98 -14.17
C ASP D 128 -17.01 22.37 -13.60
N ARG D 129 -17.34 21.93 -12.37
CA ARG D 129 -18.57 22.42 -11.76
C ARG D 129 -18.54 23.94 -11.63
N LEU D 130 -17.47 24.49 -11.07
CA LEU D 130 -17.40 25.93 -10.90
C LEU D 130 -17.39 26.66 -12.24
N ALA D 131 -16.89 26.02 -13.29
CA ALA D 131 -16.90 26.59 -14.63
C ALA D 131 -18.25 26.43 -15.32
N GLY D 132 -19.26 25.89 -14.64
CA GLY D 132 -20.54 25.64 -15.25
C GLY D 132 -20.58 24.45 -16.17
N LYS D 133 -19.43 23.85 -16.50
CA LYS D 133 -19.43 22.69 -17.38
C LYS D 133 -20.23 21.53 -16.79
N ARG D 134 -20.23 21.39 -15.47
CA ARG D 134 -20.89 20.26 -14.80
C ARG D 134 -22.14 20.73 -14.10
N VAL D 135 -23.19 19.89 -14.16
CA VAL D 135 -24.51 20.29 -13.69
C VAL D 135 -24.55 20.30 -12.17
N THR D 136 -24.00 19.25 -11.53
CA THR D 136 -24.06 19.10 -10.08
C THR D 136 -22.77 18.47 -9.60
N ARG D 137 -22.43 18.73 -8.35
CA ARG D 137 -21.15 18.29 -7.81
C ARG D 137 -21.12 16.77 -7.68
N ASP D 138 -20.04 16.15 -8.15
CA ASP D 138 -19.89 14.70 -8.08
C ASP D 138 -19.42 14.32 -6.69
N MET D 139 -20.27 13.60 -5.95
CA MET D 139 -19.98 13.18 -4.59
C MET D 139 -19.17 11.89 -4.54
N GLU D 140 -18.36 11.61 -5.57
CA GLU D 140 -17.51 10.43 -5.55
C GLU D 140 -16.27 10.68 -4.72
N SER D 141 -15.65 9.60 -4.27
CA SER D 141 -14.47 9.63 -3.43
C SER D 141 -13.27 9.10 -4.21
N GLU D 142 -12.11 9.06 -3.54
CA GLU D 142 -10.93 8.46 -4.14
C GLU D 142 -11.14 6.96 -4.35
N THR D 143 -11.67 6.28 -3.33
CA THR D 143 -11.89 4.84 -3.44
C THR D 143 -12.88 4.51 -4.55
N ASP D 144 -13.96 5.29 -4.67
CA ASP D 144 -14.92 5.05 -5.74
C ASP D 144 -14.26 5.12 -7.10
N ILE D 145 -13.38 6.11 -7.30
CA ILE D 145 -12.73 6.28 -8.60
C ILE D 145 -11.74 5.15 -8.86
N LEU D 146 -10.98 4.74 -7.85
CA LEU D 146 -10.08 3.60 -8.02
C LEU D 146 -10.87 2.34 -8.41
N LEU D 147 -11.97 2.09 -7.71
CA LEU D 147 -12.81 0.93 -8.02
C LEU D 147 -13.34 1.03 -9.45
N HIS D 148 -13.79 2.22 -9.86
CA HIS D 148 -14.24 2.42 -11.23
C HIS D 148 -13.14 2.05 -12.23
N GLN D 149 -11.90 2.44 -11.94
CA GLN D 149 -10.79 2.11 -12.82
C GLN D 149 -10.60 0.60 -12.90
N GLN D 150 -10.63 -0.09 -11.75
CA GLN D 150 -10.48 -1.54 -11.77
C GLN D 150 -11.58 -2.22 -12.58
N VAL D 151 -12.81 -1.74 -12.43
CA VAL D 151 -13.93 -2.32 -13.16
C VAL D 151 -13.76 -2.11 -14.66
N ASN D 152 -13.29 -0.93 -15.06
CA ASN D 152 -13.02 -0.68 -16.47
C ASN D 152 -11.94 -1.63 -16.99
N ARG D 153 -10.91 -1.88 -16.18
CA ARG D 153 -9.90 -2.88 -16.54
C ARG D 153 -10.53 -4.23 -16.83
N MET D 154 -11.37 -4.71 -15.91
CA MET D 154 -11.97 -6.03 -16.07
C MET D 154 -12.85 -6.08 -17.32
N PHE D 155 -13.64 -5.03 -17.56
CA PHE D 155 -14.43 -4.95 -18.79
C PHE D 155 -13.53 -5.07 -20.01
N ALA D 156 -12.41 -4.35 -20.02
CA ALA D 156 -11.54 -4.37 -21.18
C ALA D 156 -10.96 -5.75 -21.41
N VAL D 157 -10.54 -6.42 -20.34
CA VAL D 157 -9.98 -7.75 -20.51
C VAL D 157 -11.04 -8.72 -21.01
N SER D 158 -12.28 -8.55 -20.55
CA SER D 158 -13.37 -9.40 -21.04
C SER D 158 -13.53 -9.23 -22.55
N TYR D 159 -13.67 -7.98 -23.00
CA TYR D 159 -13.86 -7.73 -24.42
C TYR D 159 -12.66 -8.23 -25.23
N SER D 160 -11.45 -8.11 -24.68
CA SER D 160 -10.27 -8.56 -25.40
C SER D 160 -10.24 -10.07 -25.54
N ALA D 161 -10.48 -10.78 -24.43
CA ALA D 161 -10.59 -12.24 -24.49
C ALA D 161 -11.64 -12.67 -25.51
N ILE D 162 -12.70 -11.88 -25.66
CA ILE D 162 -13.77 -12.27 -26.57
C ILE D 162 -13.35 -12.05 -28.02
N ASN D 163 -12.91 -10.83 -28.37
CA ASN D 163 -12.78 -10.43 -29.76
C ASN D 163 -11.34 -10.15 -30.16
N GLN D 164 -10.35 -10.73 -29.46
CA GLN D 164 -8.97 -10.72 -29.90
C GLN D 164 -8.49 -9.32 -30.26
N CYS D 165 -8.22 -8.50 -29.25
CA CYS D 165 -7.72 -7.16 -29.46
C CYS D 165 -6.74 -6.79 -28.35
N TYR D 166 -5.99 -5.73 -28.58
CA TYR D 166 -5.03 -5.26 -27.58
C TYR D 166 -5.75 -4.50 -26.46
N VAL D 167 -5.11 -4.47 -25.30
CA VAL D 167 -5.58 -3.68 -24.17
C VAL D 167 -4.40 -2.88 -23.64
N LYS D 168 -4.35 -1.59 -23.99
CA LYS D 168 -3.29 -0.69 -23.57
C LYS D 168 -3.75 0.13 -22.37
N ILE D 169 -2.82 0.39 -21.45
CA ILE D 169 -3.09 1.11 -20.22
C ILE D 169 -2.09 2.24 -20.14
N ILE D 170 -2.56 3.48 -20.22
CA ILE D 170 -1.70 4.65 -20.15
C ILE D 170 -1.76 5.20 -18.73
N ASP D 171 -0.60 5.26 -18.09
CA ASP D 171 -0.46 5.59 -16.67
C ASP D 171 -0.31 7.09 -16.51
N LEU D 172 -1.42 7.78 -16.19
CA LEU D 172 -1.41 9.20 -15.84
C LEU D 172 -1.57 9.41 -14.34
N THR D 173 -1.03 8.49 -13.54
CA THR D 173 -1.12 8.55 -12.08
C THR D 173 0.00 9.38 -11.47
N TRP D 174 1.05 9.66 -12.22
CA TRP D 174 2.17 10.42 -11.70
C TRP D 174 1.80 11.90 -11.57
N PRO D 175 2.50 12.63 -10.71
CA PRO D 175 2.17 14.05 -10.51
C PRO D 175 2.56 14.91 -11.71
N GLN D 176 1.77 15.97 -11.92
CA GLN D 176 2.05 16.91 -12.99
C GLN D 176 3.05 17.96 -12.55
N GLU D 177 4.13 18.12 -13.33
CA GLU D 177 5.04 19.24 -13.12
C GLU D 177 4.54 20.51 -13.77
N TYR D 178 3.69 20.40 -14.79
CA TYR D 178 2.96 21.52 -15.35
C TYR D 178 1.57 21.04 -15.75
N GLU D 179 0.64 21.98 -15.88
CA GLU D 179 -0.73 21.63 -16.21
C GLU D 179 -0.80 21.03 -17.61
N PHE D 180 -1.76 20.11 -17.80
CA PHE D 180 -1.93 19.43 -19.07
C PHE D 180 -0.71 18.62 -19.47
N GLN D 181 0.07 18.18 -18.48
CA GLN D 181 1.13 17.21 -18.74
C GLN D 181 0.56 15.87 -19.16
N HIS D 182 -0.45 15.39 -18.43
CA HIS D 182 -1.04 14.09 -18.70
C HIS D 182 -1.59 14.03 -20.13
N THR D 183 -2.29 15.08 -20.55
CA THR D 183 -2.85 15.09 -21.90
C THR D 183 -1.74 15.00 -22.94
N GLU D 184 -0.68 15.78 -22.78
CA GLU D 184 0.43 15.75 -23.72
C GLU D 184 1.07 14.37 -23.76
N TYR D 185 1.26 13.76 -22.60
CA TYR D 185 1.84 12.41 -22.56
C TYR D 185 0.95 11.42 -23.30
N ALA D 186 -0.36 11.46 -23.04
CA ALA D 186 -1.27 10.52 -23.67
C ALA D 186 -1.31 10.72 -25.18
N VAL D 187 -1.36 11.97 -25.63
CA VAL D 187 -1.35 12.24 -27.07
C VAL D 187 -0.06 11.72 -27.69
N ASN D 188 1.07 11.98 -27.04
CA ASN D 188 2.35 11.47 -27.55
C ASN D 188 2.29 9.96 -27.73
N LYS D 189 1.86 9.24 -26.69
CA LYS D 189 1.88 7.79 -26.75
C LYS D 189 0.90 7.25 -27.79
N ILE D 190 -0.27 7.88 -27.94
CA ILE D 190 -1.24 7.36 -28.90
C ILE D 190 -0.77 7.63 -30.32
N ILE D 191 -0.21 8.82 -30.58
CA ILE D 191 0.38 9.07 -31.90
C ILE D 191 1.51 8.09 -32.16
N GLU D 192 2.34 7.85 -31.15
CA GLU D 192 3.40 6.85 -31.25
C GLU D 192 2.84 5.52 -31.72
N MET D 193 1.72 5.10 -31.13
CA MET D 193 1.08 3.86 -31.55
C MET D 193 0.65 3.93 -33.00
N LEU D 194 -0.17 4.94 -33.34
CA LEU D 194 -0.73 5.02 -34.69
C LEU D 194 0.36 5.06 -35.75
N ASN D 195 1.54 5.57 -35.42
CA ASN D 195 2.65 5.64 -36.37
C ASN D 195 3.70 4.59 -36.03
N PHE D 196 3.31 3.32 -36.11
CA PHE D 196 4.19 2.19 -35.82
C PHE D 196 4.09 1.19 -36.96
N MET E 1 -6.80 -35.63 -16.26
CA MET E 1 -7.37 -34.26 -16.15
C MET E 1 -6.70 -33.31 -17.12
N ARG E 2 -7.23 -32.10 -17.24
CA ARG E 2 -6.72 -31.12 -18.19
C ARG E 2 -6.63 -29.75 -17.53
N PHE E 3 -5.42 -29.21 -17.52
CA PHE E 3 -5.14 -27.88 -17.00
C PHE E 3 -4.36 -27.09 -18.04
N ILE E 4 -4.47 -25.77 -17.95
CA ILE E 4 -3.72 -24.85 -18.81
C ILE E 4 -2.78 -24.05 -17.92
N LEU E 5 -1.49 -24.34 -18.02
CA LEU E 5 -0.49 -23.70 -17.16
C LEU E 5 0.02 -22.43 -17.84
N THR E 6 -0.02 -21.32 -17.09
CA THR E 6 0.40 -20.03 -17.64
C THR E 6 1.08 -19.21 -16.55
N GLY E 7 1.63 -18.09 -16.97
CA GLY E 7 2.38 -17.19 -16.10
C GLY E 7 3.20 -16.23 -16.93
N VAL E 8 3.66 -15.17 -16.28
CA VAL E 8 4.47 -14.19 -17.02
C VAL E 8 5.74 -14.88 -17.52
N PRO E 9 6.22 -14.57 -18.71
CA PRO E 9 7.39 -15.29 -19.25
C PRO E 9 8.68 -14.88 -18.57
N GLY E 10 9.70 -15.71 -18.73
CA GLY E 10 10.99 -15.44 -18.14
C GLY E 10 11.02 -15.57 -16.65
N ALA E 11 10.05 -16.26 -16.05
CA ALA E 11 9.95 -16.38 -14.61
C ALA E 11 10.18 -17.80 -14.09
N GLY E 12 10.19 -18.81 -14.97
CA GLY E 12 10.41 -20.18 -14.54
C GLY E 12 9.28 -21.12 -14.91
N LYS E 13 8.40 -20.66 -15.82
CA LYS E 13 7.29 -21.49 -16.24
C LYS E 13 7.78 -22.74 -16.96
N THR E 14 8.67 -22.56 -17.94
CA THR E 14 9.24 -23.70 -18.66
C THR E 14 10.01 -24.62 -17.73
N THR E 15 10.56 -24.09 -16.63
CA THR E 15 11.23 -24.91 -15.65
C THR E 15 10.24 -25.86 -14.96
N VAL E 16 9.10 -25.32 -14.52
CA VAL E 16 8.05 -26.16 -13.95
C VAL E 16 7.58 -27.18 -14.98
N CYS E 17 7.47 -26.78 -16.24
CA CYS E 17 7.05 -27.70 -17.29
C CYS E 17 8.02 -28.87 -17.41
N ASN E 18 9.32 -28.57 -17.52
CA ASN E 18 10.32 -29.63 -17.67
C ASN E 18 10.34 -30.54 -16.46
N LYS E 19 10.26 -29.96 -15.26
CA LYS E 19 10.26 -30.80 -14.06
C LYS E 19 9.05 -31.71 -14.02
N LEU E 20 7.87 -31.21 -14.38
CA LEU E 20 6.67 -32.05 -14.41
C LEU E 20 6.77 -33.12 -15.47
N ALA E 21 7.35 -32.79 -16.63
CA ALA E 21 7.49 -33.78 -17.70
C ALA E 21 8.48 -34.88 -17.31
N GLU E 22 9.50 -34.55 -16.52
CA GLU E 22 10.48 -35.56 -16.13
C GLU E 22 10.10 -36.32 -14.87
N LYS E 23 9.15 -35.81 -14.07
CA LYS E 23 8.89 -36.39 -12.76
C LYS E 23 7.56 -37.14 -12.68
N MET E 24 6.85 -37.31 -13.79
CA MET E 24 5.57 -38.01 -13.76
C MET E 24 5.39 -38.84 -15.02
N SER E 25 4.86 -40.05 -14.84
CA SER E 25 4.69 -40.99 -15.95
C SER E 25 3.43 -40.68 -16.73
N ASN E 26 2.28 -40.58 -16.04
CA ASN E 26 0.99 -40.33 -16.69
C ASN E 26 0.79 -38.82 -16.76
N LEU E 27 1.45 -38.21 -17.74
CA LEU E 27 1.32 -36.77 -17.96
C LEU E 27 1.88 -36.42 -19.34
N SER E 28 1.24 -35.47 -19.99
CA SER E 28 1.65 -35.01 -21.33
C SER E 28 1.72 -33.50 -21.30
N VAL E 29 2.89 -32.96 -20.99
CA VAL E 29 3.11 -31.52 -20.92
C VAL E 29 3.42 -31.03 -22.33
N VAL E 30 2.54 -30.20 -22.88
CA VAL E 30 2.63 -29.75 -24.26
C VAL E 30 2.58 -28.24 -24.31
N ASN E 31 3.36 -27.66 -25.21
CA ASN E 31 3.39 -26.21 -25.41
C ASN E 31 2.52 -25.87 -26.60
N TYR E 32 1.51 -25.02 -26.38
CA TYR E 32 0.59 -24.66 -27.45
C TYR E 32 1.34 -24.06 -28.64
N GLY E 33 2.25 -23.12 -28.37
CA GLY E 33 2.96 -22.47 -29.46
C GLY E 33 3.76 -23.44 -30.32
N ASP E 34 4.35 -24.45 -29.69
CA ASP E 34 5.12 -25.43 -30.44
C ASP E 34 4.23 -26.21 -31.41
N VAL E 35 3.06 -26.63 -30.94
CA VAL E 35 2.12 -27.33 -31.82
C VAL E 35 1.65 -26.40 -32.93
N ILE E 36 1.47 -25.11 -32.61
CA ILE E 36 1.11 -24.14 -33.63
C ILE E 36 2.17 -24.12 -34.73
N PHE E 37 3.44 -24.00 -34.33
CA PHE E 37 4.52 -23.98 -35.30
C PHE E 37 4.55 -25.25 -36.14
N GLU E 38 4.37 -26.40 -35.49
CA GLU E 38 4.38 -27.68 -36.22
C GLU E 38 3.28 -27.71 -37.27
N GLU E 39 2.04 -27.50 -36.84
CA GLU E 39 0.92 -27.55 -37.77
C GLU E 39 1.03 -26.46 -38.85
N ALA E 40 1.66 -25.34 -38.53
CA ALA E 40 1.80 -24.27 -39.50
C ALA E 40 2.80 -24.62 -40.58
N LYS E 41 4.01 -25.01 -40.18
CA LYS E 41 5.01 -25.39 -41.18
C LYS E 41 4.66 -26.70 -41.87
N LYS E 42 3.66 -27.44 -41.38
CA LYS E 42 3.10 -28.52 -42.19
C LYS E 42 2.09 -27.99 -43.20
N LEU E 43 1.18 -27.13 -42.76
CA LEU E 43 0.10 -26.66 -43.62
C LEU E 43 0.58 -25.61 -44.61
N TYR E 44 1.28 -24.57 -44.12
CA TYR E 44 1.77 -23.48 -44.94
C TYR E 44 3.30 -23.48 -44.88
N PRO E 45 3.95 -24.41 -45.60
CA PRO E 45 5.40 -24.57 -45.44
C PRO E 45 6.22 -23.61 -46.27
N SER E 46 5.65 -22.97 -47.28
CA SER E 46 6.43 -22.10 -48.16
C SER E 46 6.66 -20.73 -47.56
N ILE E 47 6.23 -20.49 -46.32
CA ILE E 47 6.39 -19.18 -45.70
C ILE E 47 6.59 -19.33 -44.20
N ILE E 48 7.05 -20.51 -43.77
CA ILE E 48 7.23 -20.81 -42.34
C ILE E 48 8.52 -21.61 -42.20
N GLN E 49 9.50 -21.04 -41.52
CA GLN E 49 10.71 -21.74 -41.10
C GLN E 49 11.03 -21.50 -39.64
N VAL E 50 10.79 -20.29 -39.14
CA VAL E 50 10.99 -19.94 -37.74
C VAL E 50 9.63 -19.93 -37.06
N ARG E 51 9.65 -19.99 -35.73
CA ARG E 51 8.42 -19.79 -34.98
C ARG E 51 7.87 -18.38 -35.20
N GLU E 52 8.75 -17.41 -35.45
CA GLU E 52 8.31 -16.04 -35.66
C GLU E 52 7.81 -15.78 -37.07
N ASP E 53 7.95 -16.76 -37.98
CA ASP E 53 7.32 -16.65 -39.29
C ASP E 53 5.81 -16.84 -39.21
N THR E 54 5.30 -17.34 -38.09
CA THR E 54 3.86 -17.55 -37.93
C THR E 54 3.10 -16.24 -37.83
N ARG E 55 3.80 -15.10 -37.73
CA ARG E 55 3.14 -13.80 -37.67
C ARG E 55 2.95 -13.18 -39.05
N LYS E 56 3.54 -13.76 -40.09
CA LYS E 56 3.22 -13.34 -41.45
C LYS E 56 1.85 -13.84 -41.86
N LEU E 57 1.48 -15.04 -41.42
CA LEU E 57 0.16 -15.58 -41.74
C LEU E 57 -0.90 -14.57 -41.33
N PRO E 58 -1.94 -14.37 -42.15
CA PRO E 58 -2.98 -13.40 -41.78
C PRO E 58 -3.75 -13.81 -40.54
N ARG E 59 -4.81 -13.05 -40.23
CA ARG E 59 -5.58 -13.26 -39.01
C ARG E 59 -6.32 -14.58 -39.04
N ALA E 60 -7.16 -14.77 -40.08
CA ALA E 60 -8.00 -15.96 -40.15
C ALA E 60 -7.16 -17.23 -40.22
N ASP E 61 -6.06 -17.20 -40.97
CA ASP E 61 -5.23 -18.39 -41.11
C ASP E 61 -4.56 -18.76 -39.78
N TYR E 62 -4.09 -17.75 -39.03
CA TYR E 62 -3.52 -18.03 -37.72
C TYR E 62 -4.57 -18.61 -36.79
N ARG E 63 -5.80 -18.09 -36.84
CA ARG E 63 -6.86 -18.64 -36.00
C ARG E 63 -7.15 -20.10 -36.38
N ASN E 64 -7.18 -20.39 -37.68
CA ASN E 64 -7.46 -21.76 -38.11
C ASN E 64 -6.36 -22.72 -37.67
N ILE E 65 -5.09 -22.27 -37.72
CA ILE E 65 -4.00 -23.12 -37.25
C ILE E 65 -4.11 -23.33 -35.74
N GLN E 66 -4.49 -22.29 -34.99
CA GLN E 66 -4.74 -22.46 -33.56
C GLN E 66 -5.82 -23.50 -33.31
N ILE E 67 -6.90 -23.44 -34.09
CA ILE E 67 -8.00 -24.38 -33.92
C ILE E 67 -7.52 -25.81 -34.16
N GLU E 68 -6.79 -26.03 -35.26
CA GLU E 68 -6.33 -27.39 -35.57
C GLU E 68 -5.34 -27.87 -34.52
N ALA E 69 -4.50 -26.98 -33.99
CA ALA E 69 -3.57 -27.37 -32.93
C ALA E 69 -4.33 -27.81 -31.68
N ALA E 70 -5.31 -27.00 -31.26
CA ALA E 70 -6.12 -27.38 -30.11
C ALA E 70 -6.79 -28.74 -30.34
N LYS E 71 -7.30 -28.95 -31.55
CA LYS E 71 -7.88 -30.27 -31.87
C LYS E 71 -6.87 -31.38 -31.65
N LYS E 72 -5.69 -31.24 -32.25
CA LYS E 72 -4.66 -32.28 -32.09
C LYS E 72 -4.31 -32.51 -30.63
N ILE E 73 -4.41 -31.47 -29.79
CA ILE E 73 -4.10 -31.67 -28.37
C ILE E 73 -5.28 -32.33 -27.65
N SER E 74 -6.50 -32.15 -28.16
CA SER E 74 -7.67 -32.74 -27.51
C SER E 74 -7.73 -34.26 -27.69
N LEU E 75 -6.88 -34.83 -28.53
CA LEU E 75 -6.83 -36.27 -28.71
C LEU E 75 -6.01 -36.97 -27.62
N ILE E 76 -5.27 -36.22 -26.81
CA ILE E 76 -4.44 -36.83 -25.77
C ILE E 76 -5.36 -37.37 -24.68
N THR E 77 -5.26 -38.68 -24.43
CA THR E 77 -6.14 -39.35 -23.48
C THR E 77 -5.66 -39.19 -22.05
N ASP E 78 -4.39 -39.51 -21.81
CA ASP E 78 -3.82 -39.38 -20.48
C ASP E 78 -3.85 -37.92 -20.02
N ASN E 79 -3.43 -37.71 -18.77
CA ASN E 79 -3.39 -36.37 -18.22
C ASN E 79 -2.62 -35.43 -19.13
N LEU E 80 -3.10 -34.19 -19.23
CA LEU E 80 -2.57 -33.21 -20.17
C LEU E 80 -2.31 -31.90 -19.44
N ILE E 81 -1.19 -31.26 -19.78
CA ILE E 81 -0.87 -29.91 -19.35
C ILE E 81 -0.56 -29.11 -20.62
N VAL E 82 -1.27 -27.99 -20.80
CA VAL E 82 -1.03 -27.10 -21.91
C VAL E 82 -0.26 -25.89 -21.41
N ASP E 83 0.90 -25.63 -22.02
CA ASP E 83 1.75 -24.52 -21.62
C ASP E 83 1.55 -23.36 -22.59
N THR E 84 1.31 -22.17 -22.04
CA THR E 84 1.05 -21.00 -22.87
C THR E 84 0.93 -19.76 -22.00
N HIS E 85 0.45 -18.66 -22.57
CA HIS E 85 0.34 -17.39 -21.88
C HIS E 85 -1.06 -16.82 -22.06
N MET E 86 -1.69 -16.39 -20.96
CA MET E 86 -2.98 -15.73 -21.08
C MET E 86 -2.86 -14.45 -21.87
N SER E 87 -1.76 -13.72 -21.69
CA SER E 87 -1.58 -12.43 -22.33
C SER E 87 -0.09 -12.16 -22.51
N LEU E 88 0.23 -11.45 -23.57
CA LEU E 88 1.61 -11.08 -23.87
C LEU E 88 1.70 -9.58 -24.04
N LYS E 89 2.75 -9.00 -23.45
CA LYS E 89 2.93 -7.55 -23.45
C LYS E 89 3.63 -7.10 -24.72
N THR E 90 3.11 -6.04 -25.34
CA THR E 90 3.59 -5.50 -26.60
C THR E 90 3.44 -3.99 -26.52
N PRO E 91 4.07 -3.21 -27.41
CA PRO E 91 3.90 -1.75 -27.34
C PRO E 91 2.49 -1.29 -27.64
N TYR E 92 1.63 -2.17 -28.16
CA TYR E 92 0.22 -1.86 -28.33
C TYR E 92 -0.63 -2.21 -27.11
N GLY E 93 -0.06 -2.88 -26.11
CA GLY E 93 -0.80 -3.26 -24.92
C GLY E 93 -0.62 -4.72 -24.55
N PHE E 94 -1.72 -5.42 -24.26
CA PHE E 94 -1.69 -6.85 -24.00
C PHE E 94 -2.50 -7.56 -25.07
N TYR E 95 -1.93 -8.61 -25.64
CA TYR E 95 -2.67 -9.43 -26.59
C TYR E 95 -2.94 -10.80 -25.99
N PRO E 96 -4.17 -11.30 -26.04
CA PRO E 96 -4.44 -12.64 -25.50
C PRO E 96 -3.70 -13.70 -26.30
N GLY E 97 -3.05 -14.62 -25.57
CA GLY E 97 -2.37 -15.74 -26.17
C GLY E 97 -3.24 -16.93 -26.50
N LEU E 98 -4.53 -16.89 -26.16
CA LEU E 98 -5.45 -17.97 -26.46
C LEU E 98 -6.65 -17.42 -27.23
N ILE E 99 -7.52 -18.33 -27.63
CA ILE E 99 -8.81 -17.97 -28.25
C ILE E 99 -9.88 -18.87 -27.68
N PRO E 100 -11.12 -18.35 -27.57
CA PRO E 100 -12.19 -19.15 -26.96
C PRO E 100 -12.32 -20.53 -27.57
N GLU E 101 -12.09 -20.65 -28.88
CA GLU E 101 -12.14 -21.96 -29.53
C GLU E 101 -11.18 -22.94 -28.86
N THR E 102 -10.02 -22.45 -28.41
CA THR E 102 -9.06 -23.33 -27.74
C THR E 102 -9.70 -24.00 -26.53
N ILE E 103 -10.40 -23.22 -25.69
CA ILE E 103 -11.03 -23.79 -24.51
C ILE E 103 -12.21 -24.68 -24.90
N ASN E 104 -13.00 -24.25 -25.89
CA ASN E 104 -14.13 -25.06 -26.33
C ASN E 104 -13.66 -26.43 -26.80
N ILE E 105 -12.52 -26.50 -27.48
CA ILE E 105 -12.05 -27.73 -28.09
C ILE E 105 -11.28 -28.60 -27.10
N ILE E 106 -10.41 -27.99 -26.29
CA ILE E 106 -9.66 -28.77 -25.32
C ILE E 106 -10.49 -29.07 -24.07
N GLN E 107 -11.56 -28.33 -23.83
CA GLN E 107 -12.43 -28.54 -22.68
C GLN E 107 -11.61 -28.84 -21.43
N PRO E 108 -10.65 -27.98 -21.09
CA PRO E 108 -9.82 -28.25 -19.91
C PRO E 108 -10.64 -28.21 -18.64
N ASP E 109 -10.08 -28.80 -17.59
CA ASP E 109 -10.69 -28.73 -16.27
C ASP E 109 -10.29 -27.48 -15.52
N GLY E 110 -9.09 -26.94 -15.76
CA GLY E 110 -8.67 -25.75 -15.05
C GLY E 110 -7.66 -24.89 -15.79
N ILE E 111 -7.45 -23.71 -15.22
CA ILE E 111 -6.44 -22.76 -15.67
C ILE E 111 -5.57 -22.43 -14.46
N ILE E 112 -4.28 -22.70 -14.56
CA ILE E 112 -3.33 -22.50 -13.46
C ILE E 112 -2.46 -21.31 -13.80
N LEU E 113 -2.32 -20.38 -12.86
CA LEU E 113 -1.48 -19.20 -13.00
C LEU E 113 -0.35 -19.28 -11.98
N LEU E 114 0.89 -19.34 -12.48
CA LEU E 114 2.07 -19.27 -11.63
C LEU E 114 2.39 -17.80 -11.41
N GLU E 115 2.07 -17.28 -10.22
CA GLU E 115 2.24 -15.86 -9.94
C GLU E 115 3.50 -15.67 -9.10
N PHE E 116 4.52 -15.08 -9.73
CA PHE E 116 5.82 -14.86 -9.10
C PHE E 116 5.90 -13.48 -8.47
N ASN E 117 6.99 -13.24 -7.77
CA ASN E 117 7.30 -11.91 -7.26
C ASN E 117 8.08 -11.13 -8.31
N PRO E 118 7.68 -9.89 -8.63
CA PRO E 118 8.33 -9.18 -9.74
C PRO E 118 9.84 -9.10 -9.64
N ARG E 119 10.38 -8.91 -8.43
CA ARG E 119 11.83 -8.80 -8.29
C ARG E 119 12.54 -10.03 -8.86
N ASP E 120 12.11 -11.21 -8.41
CA ASP E 120 12.64 -12.45 -8.95
C ASP E 120 12.55 -12.45 -10.47
N VAL E 121 11.41 -12.01 -11.01
CA VAL E 121 11.20 -12.05 -12.46
C VAL E 121 12.23 -11.18 -13.16
N ILE E 122 12.49 -9.98 -12.63
CA ILE E 122 13.47 -9.10 -13.27
C ILE E 122 14.86 -9.72 -13.20
N ALA E 123 15.21 -10.29 -12.05
CA ALA E 123 16.52 -10.92 -11.93
C ALA E 123 16.67 -12.07 -12.92
N ARG E 124 15.64 -12.90 -13.07
CA ARG E 124 15.73 -14.04 -13.98
C ARG E 124 15.78 -13.59 -15.44
N ARG E 125 15.03 -12.53 -15.77
CA ARG E 125 15.08 -12.02 -17.13
C ARG E 125 16.45 -11.44 -17.45
N GLU E 126 17.05 -10.72 -16.49
CA GLU E 126 18.39 -10.19 -16.72
C GLU E 126 19.44 -11.30 -16.72
N LYS E 127 19.15 -12.44 -16.09
CA LYS E 127 20.02 -13.60 -16.23
C LYS E 127 19.94 -14.16 -17.64
N ASP E 128 18.72 -14.42 -18.13
CA ASP E 128 18.54 -14.98 -19.46
C ASP E 128 18.99 -14.02 -20.56
N ARG E 129 19.01 -12.71 -20.30
CA ARG E 129 19.44 -11.74 -21.29
C ARG E 129 20.89 -11.99 -21.66
N LEU E 130 21.80 -11.75 -20.71
CA LEU E 130 23.22 -11.99 -20.94
C LEU E 130 23.50 -13.43 -21.34
N ALA E 131 22.56 -14.34 -21.10
CA ALA E 131 22.68 -15.70 -21.60
C ALA E 131 22.23 -15.76 -23.06
N GLY E 132 23.07 -16.32 -23.91
CA GLY E 132 22.76 -16.44 -25.33
C GLY E 132 21.62 -17.40 -25.61
N ASP E 138 14.28 -6.51 -24.13
CA ASP E 138 13.34 -5.55 -23.58
C ASP E 138 13.46 -5.51 -22.06
N MET E 139 12.84 -4.50 -21.46
CA MET E 139 12.88 -4.29 -20.01
C MET E 139 11.47 -4.11 -19.48
N GLU E 140 11.32 -4.26 -18.16
CA GLU E 140 10.03 -4.07 -17.51
C GLU E 140 10.25 -3.76 -16.04
N SER E 141 9.33 -3.00 -15.47
CA SER E 141 9.39 -2.62 -14.06
C SER E 141 8.56 -3.57 -13.21
N GLU E 142 8.64 -3.36 -11.89
CA GLU E 142 7.90 -4.23 -10.96
C GLU E 142 6.41 -4.13 -11.20
N THR E 143 5.88 -2.90 -11.25
CA THR E 143 4.45 -2.73 -11.44
C THR E 143 4.01 -3.21 -12.81
N ASP E 144 4.87 -3.11 -13.83
CA ASP E 144 4.54 -3.72 -15.12
C ASP E 144 4.22 -5.19 -14.94
N ILE E 145 5.02 -5.90 -14.14
CA ILE E 145 4.82 -7.33 -13.95
C ILE E 145 3.60 -7.60 -13.08
N LEU E 146 3.42 -6.83 -12.01
CA LEU E 146 2.21 -6.94 -11.21
C LEU E 146 0.96 -6.78 -12.08
N LEU E 147 0.98 -5.79 -12.96
CA LEU E 147 -0.16 -5.50 -13.82
C LEU E 147 -0.38 -6.62 -14.83
N HIS E 148 0.70 -7.15 -15.41
CA HIS E 148 0.56 -8.27 -16.33
C HIS E 148 -0.07 -9.47 -15.62
N GLN E 149 0.29 -9.68 -14.35
CA GLN E 149 -0.30 -10.79 -13.61
C GLN E 149 -1.78 -10.53 -13.32
N GLN E 150 -2.15 -9.29 -13.00
CA GLN E 150 -3.55 -8.94 -12.82
C GLN E 150 -4.35 -9.19 -14.11
N VAL E 151 -3.78 -8.82 -15.25
CA VAL E 151 -4.47 -9.02 -16.52
C VAL E 151 -4.59 -10.51 -16.82
N ASN E 152 -3.58 -11.30 -16.46
CA ASN E 152 -3.69 -12.75 -16.58
C ASN E 152 -4.85 -13.28 -15.75
N ARG E 153 -4.97 -12.81 -14.51
CA ARG E 153 -6.11 -13.18 -13.67
C ARG E 153 -7.43 -12.84 -14.36
N MET E 154 -7.51 -11.65 -14.95
CA MET E 154 -8.77 -11.23 -15.59
C MET E 154 -9.10 -12.12 -16.78
N PHE E 155 -8.12 -12.38 -17.64
CA PHE E 155 -8.34 -13.30 -18.77
C PHE E 155 -8.78 -14.67 -18.27
N ALA E 156 -8.15 -15.17 -17.21
CA ALA E 156 -8.51 -16.49 -16.68
C ALA E 156 -9.95 -16.51 -16.21
N VAL E 157 -10.35 -15.50 -15.43
CA VAL E 157 -11.72 -15.47 -14.93
C VAL E 157 -12.69 -15.35 -16.08
N SER E 158 -12.32 -14.62 -17.14
CA SER E 158 -13.15 -14.54 -18.33
C SER E 158 -13.39 -15.94 -18.88
N TYR E 159 -12.31 -16.55 -19.40
CA TYR E 159 -12.40 -17.88 -19.97
C TYR E 159 -13.16 -18.85 -19.06
N SER E 160 -12.98 -18.75 -17.77
CA SER E 160 -13.71 -19.62 -16.85
C SER E 160 -15.19 -19.40 -16.81
N ALA E 161 -15.60 -18.15 -16.77
CA ALA E 161 -17.00 -17.84 -16.70
C ALA E 161 -17.70 -18.37 -17.91
N ILE E 162 -17.08 -18.17 -19.06
CA ILE E 162 -17.65 -18.62 -20.33
C ILE E 162 -17.63 -20.13 -20.53
N ASN E 163 -16.48 -20.74 -20.35
CA ASN E 163 -16.34 -22.18 -20.54
C ASN E 163 -16.60 -23.05 -19.31
N GLN E 164 -16.47 -22.46 -18.13
CA GLN E 164 -16.70 -23.21 -16.89
C GLN E 164 -15.55 -24.12 -16.51
N CYS E 165 -14.52 -23.55 -15.89
CA CYS E 165 -13.37 -24.31 -15.45
C CYS E 165 -12.76 -23.69 -14.20
N TYR E 166 -11.94 -24.45 -13.48
CA TYR E 166 -11.31 -23.96 -12.27
C TYR E 166 -10.26 -22.90 -12.58
N VAL E 167 -10.00 -22.02 -11.62
CA VAL E 167 -8.99 -20.97 -11.76
C VAL E 167 -8.07 -21.11 -10.55
N LYS E 168 -6.98 -21.86 -10.72
CA LYS E 168 -5.99 -22.07 -9.68
C LYS E 168 -4.90 -21.00 -9.79
N ILE E 169 -4.58 -20.37 -8.66
CA ILE E 169 -3.53 -19.36 -8.60
C ILE E 169 -2.46 -19.87 -7.65
N ILE E 170 -1.33 -20.31 -8.19
CA ILE E 170 -0.23 -20.83 -7.40
C ILE E 170 0.71 -19.68 -7.04
N ASP E 171 0.92 -19.51 -5.74
CA ASP E 171 1.63 -18.36 -5.17
C ASP E 171 3.11 -18.70 -5.05
N LEU E 172 3.96 -18.01 -5.81
CA LEU E 172 5.40 -18.17 -5.74
C LEU E 172 6.09 -16.85 -5.40
N THR E 173 5.42 -16.02 -4.59
CA THR E 173 5.97 -14.74 -4.16
C THR E 173 6.83 -14.87 -2.90
N TRP E 174 6.69 -15.94 -2.13
CA TRP E 174 7.45 -16.06 -0.91
C TRP E 174 8.95 -16.19 -1.21
N PRO E 175 9.82 -15.61 -0.38
CA PRO E 175 11.26 -15.73 -0.61
C PRO E 175 11.72 -17.18 -0.71
N GLN E 176 12.62 -17.41 -1.59
CA GLN E 176 13.16 -18.73 -1.76
C GLN E 176 14.36 -19.00 -0.86
N GLU E 177 14.37 -20.16 -0.22
CA GLU E 177 15.50 -20.57 0.59
C GLU E 177 16.65 -21.14 -0.26
N TYR E 178 16.39 -21.40 -1.53
CA TYR E 178 17.40 -21.87 -2.47
C TYR E 178 16.80 -21.86 -3.87
N GLU E 179 17.55 -21.34 -4.84
CA GLU E 179 17.01 -21.20 -6.19
C GLU E 179 16.38 -22.51 -6.65
N PHE E 180 15.31 -22.38 -7.44
CA PHE E 180 14.53 -23.50 -7.95
C PHE E 180 13.70 -24.18 -6.87
N GLN E 181 13.47 -23.50 -5.74
CA GLN E 181 12.51 -23.99 -4.76
C GLN E 181 11.08 -23.65 -5.19
N HIS E 182 10.89 -22.49 -5.81
CA HIS E 182 9.61 -22.14 -6.38
C HIS E 182 9.10 -23.25 -7.30
N THR E 183 9.98 -23.76 -8.16
CA THR E 183 9.58 -24.82 -9.08
C THR E 183 9.15 -26.07 -8.33
N GLU E 184 9.87 -26.42 -7.26
CA GLU E 184 9.47 -27.56 -6.45
C GLU E 184 8.07 -27.37 -5.88
N TYR E 185 7.81 -26.21 -5.28
CA TYR E 185 6.50 -25.95 -4.70
C TYR E 185 5.41 -26.06 -5.77
N ALA E 186 5.62 -25.43 -6.92
CA ALA E 186 4.63 -25.43 -7.99
C ALA E 186 4.34 -26.86 -8.45
N VAL E 187 5.39 -27.65 -8.66
CA VAL E 187 5.21 -29.01 -9.16
C VAL E 187 4.52 -29.88 -8.12
N ASN E 188 4.91 -29.74 -6.85
CA ASN E 188 4.26 -30.51 -5.80
C ASN E 188 2.77 -30.19 -5.74
N LYS E 189 2.41 -28.91 -5.83
CA LYS E 189 0.99 -28.56 -5.76
C LYS E 189 0.23 -29.05 -7.01
N ILE E 190 0.85 -28.96 -8.18
CA ILE E 190 0.17 -29.41 -9.40
C ILE E 190 -0.11 -30.91 -9.33
N ILE E 191 0.88 -31.69 -8.91
CA ILE E 191 0.67 -33.14 -8.83
C ILE E 191 -0.32 -33.48 -7.71
N GLU E 192 -0.21 -32.79 -6.57
CA GLU E 192 -1.20 -32.95 -5.51
C GLU E 192 -2.61 -32.70 -6.02
N MET E 193 -2.76 -31.76 -6.97
CA MET E 193 -4.04 -31.58 -7.63
C MET E 193 -4.39 -32.78 -8.50
N LEU E 194 -3.42 -33.30 -9.25
CA LEU E 194 -3.71 -34.41 -10.15
C LEU E 194 -4.08 -35.69 -9.39
N ASN E 195 -3.59 -35.83 -8.16
CA ASN E 195 -3.86 -37.00 -7.33
C ASN E 195 -4.66 -36.56 -6.11
N PHE E 196 -5.91 -36.17 -6.33
CA PHE E 196 -6.76 -35.69 -5.25
C PHE E 196 -8.18 -36.23 -5.43
N MET F 1 -37.77 -5.21 -9.45
CA MET F 1 -36.55 -5.59 -10.21
C MET F 1 -36.08 -6.99 -9.79
N ARG F 2 -35.23 -7.60 -10.60
CA ARG F 2 -34.67 -8.92 -10.31
C ARG F 2 -33.17 -8.79 -10.25
N PHE F 3 -32.57 -9.20 -9.14
CA PHE F 3 -31.15 -9.02 -8.90
C PHE F 3 -30.54 -10.28 -8.30
N ILE F 4 -29.27 -10.48 -8.57
CA ILE F 4 -28.48 -11.52 -7.91
C ILE F 4 -27.71 -10.87 -6.78
N LEU F 5 -27.52 -11.59 -5.69
CA LEU F 5 -26.81 -11.06 -4.52
C LEU F 5 -25.71 -12.04 -4.14
N THR F 6 -24.49 -11.53 -4.00
CA THR F 6 -23.35 -12.40 -3.74
C THR F 6 -22.40 -11.73 -2.74
N GLY F 7 -21.62 -12.59 -2.10
CA GLY F 7 -20.58 -12.16 -1.19
C GLY F 7 -19.77 -13.37 -0.79
N VAL F 8 -18.57 -13.11 -0.27
CA VAL F 8 -17.68 -14.20 0.14
C VAL F 8 -18.38 -14.99 1.25
N PRO F 9 -18.10 -16.28 1.39
CA PRO F 9 -18.88 -17.10 2.32
C PRO F 9 -18.74 -16.62 3.75
N GLY F 10 -19.86 -16.67 4.48
CA GLY F 10 -19.92 -16.29 5.87
C GLY F 10 -19.61 -14.84 6.19
N ALA F 11 -19.83 -13.96 5.23
CA ALA F 11 -19.57 -12.54 5.44
C ALA F 11 -20.80 -11.71 5.80
N GLY F 12 -21.99 -12.15 5.38
CA GLY F 12 -23.20 -11.39 5.64
C GLY F 12 -24.17 -11.51 4.46
N LYS F 13 -23.90 -12.39 3.49
CA LYS F 13 -24.82 -12.50 2.35
C LYS F 13 -26.23 -12.97 2.72
N THR F 14 -26.32 -14.02 3.52
CA THR F 14 -27.62 -14.52 3.94
C THR F 14 -28.28 -13.52 4.87
N THR F 15 -27.48 -12.93 5.75
CA THR F 15 -27.98 -11.92 6.68
C THR F 15 -28.75 -10.84 5.93
N VAL F 16 -28.09 -10.24 4.94
CA VAL F 16 -28.72 -9.20 4.13
C VAL F 16 -29.94 -9.74 3.42
N CYS F 17 -29.83 -10.93 2.83
CA CYS F 17 -30.97 -11.49 2.10
C CYS F 17 -32.21 -11.59 3.00
N ASN F 18 -32.03 -12.14 4.20
CA ASN F 18 -33.18 -12.35 5.08
C ASN F 18 -33.70 -11.02 5.63
N LYS F 19 -32.80 -10.09 5.97
CA LYS F 19 -33.27 -8.79 6.43
C LYS F 19 -34.04 -8.07 5.33
N LEU F 20 -33.70 -8.32 4.06
CA LEU F 20 -34.49 -7.77 2.96
C LEU F 20 -35.87 -8.41 2.91
N ALA F 21 -35.91 -9.75 2.90
CA ALA F 21 -37.19 -10.43 2.94
C ALA F 21 -38.06 -9.93 4.09
N GLU F 22 -37.43 -9.44 5.15
CA GLU F 22 -38.17 -8.85 6.26
C GLU F 22 -38.67 -7.45 5.91
N LYS F 23 -37.76 -6.54 5.53
CA LYS F 23 -38.09 -5.13 5.39
C LYS F 23 -38.73 -4.78 4.06
N MET F 24 -38.58 -5.62 3.05
CA MET F 24 -39.19 -5.40 1.75
C MET F 24 -40.54 -6.10 1.68
N SER F 25 -41.32 -5.75 0.66
CA SER F 25 -42.59 -6.41 0.38
C SER F 25 -42.63 -6.80 -1.08
N ASN F 26 -43.31 -7.91 -1.37
CA ASN F 26 -43.38 -8.44 -2.73
C ASN F 26 -41.98 -8.77 -3.25
N LEU F 27 -41.14 -9.34 -2.37
CA LEU F 27 -39.73 -9.59 -2.69
C LEU F 27 -39.40 -11.05 -2.36
N SER F 28 -39.22 -11.86 -3.40
CA SER F 28 -38.83 -13.24 -3.23
C SER F 28 -37.33 -13.36 -3.00
N VAL F 29 -36.94 -14.39 -2.25
CA VAL F 29 -35.54 -14.74 -2.03
C VAL F 29 -35.42 -16.24 -2.24
N VAL F 30 -34.50 -16.65 -3.13
CA VAL F 30 -34.30 -18.07 -3.38
C VAL F 30 -32.81 -18.35 -3.54
N ASN F 31 -32.36 -19.44 -2.93
CA ASN F 31 -30.95 -19.82 -2.95
C ASN F 31 -30.70 -20.71 -4.16
N TYR F 32 -30.00 -20.16 -5.16
CA TYR F 32 -29.71 -20.92 -6.38
C TYR F 32 -29.13 -22.29 -6.07
N GLY F 33 -28.31 -22.37 -5.02
CA GLY F 33 -27.71 -23.64 -4.66
C GLY F 33 -28.73 -24.66 -4.17
N ASP F 34 -29.65 -24.23 -3.30
CA ASP F 34 -30.72 -25.11 -2.87
C ASP F 34 -31.55 -25.61 -4.05
N VAL F 35 -31.79 -24.73 -5.04
CA VAL F 35 -32.57 -25.12 -6.20
C VAL F 35 -31.84 -26.17 -7.01
N ILE F 36 -30.55 -25.96 -7.27
CA ILE F 36 -29.77 -26.98 -7.97
C ILE F 36 -29.84 -28.30 -7.20
N PHE F 37 -29.59 -28.24 -5.88
CA PHE F 37 -29.63 -29.43 -5.05
C PHE F 37 -30.92 -30.21 -5.27
N GLU F 38 -32.06 -29.58 -4.99
CA GLU F 38 -33.34 -30.29 -5.05
C GLU F 38 -33.64 -30.75 -6.47
N GLU F 39 -33.55 -29.83 -7.44
CA GLU F 39 -33.87 -30.13 -8.83
C GLU F 39 -33.06 -31.33 -9.33
N ALA F 40 -31.76 -31.37 -9.01
CA ALA F 40 -30.93 -32.50 -9.42
C ALA F 40 -31.30 -33.76 -8.66
N LYS F 41 -31.45 -33.64 -7.33
CA LYS F 41 -31.74 -34.81 -6.51
C LYS F 41 -32.97 -35.54 -6.99
N LYS F 42 -33.95 -34.81 -7.53
CA LYS F 42 -35.11 -35.49 -8.11
C LYS F 42 -34.68 -36.40 -9.25
N LEU F 43 -33.84 -35.88 -10.16
CA LEU F 43 -33.55 -36.58 -11.41
C LEU F 43 -32.58 -37.74 -11.20
N TYR F 44 -31.60 -37.58 -10.33
CA TYR F 44 -30.68 -38.67 -10.07
C TYR F 44 -30.61 -38.98 -8.57
N PRO F 45 -31.81 -39.36 -8.00
CA PRO F 45 -31.77 -39.50 -6.53
C PRO F 45 -30.73 -40.48 -5.99
N SER F 46 -30.54 -41.62 -6.63
CA SER F 46 -29.59 -42.61 -6.14
C SER F 46 -28.16 -42.09 -6.11
N ILE F 47 -27.75 -41.45 -7.19
CA ILE F 47 -26.42 -40.90 -7.29
C ILE F 47 -26.29 -39.78 -6.29
N ILE F 48 -27.38 -39.03 -6.15
CA ILE F 48 -27.44 -37.88 -5.28
C ILE F 48 -27.72 -38.21 -3.82
N GLN F 49 -26.70 -38.77 -3.20
CA GLN F 49 -26.73 -39.09 -1.79
C GLN F 49 -26.77 -37.76 -1.06
N VAL F 50 -26.04 -36.78 -1.56
CA VAL F 50 -25.99 -35.49 -0.91
C VAL F 50 -25.51 -34.35 -1.79
N ARG F 51 -25.44 -33.19 -1.17
CA ARG F 51 -25.03 -31.99 -1.85
C ARG F 51 -23.67 -32.27 -2.42
N GLU F 52 -22.90 -33.04 -1.68
CA GLU F 52 -21.54 -33.39 -2.05
C GLU F 52 -21.51 -34.12 -3.37
N ASP F 53 -22.61 -34.76 -3.72
CA ASP F 53 -22.65 -35.56 -4.94
C ASP F 53 -22.67 -34.96 -6.31
N THR F 54 -22.87 -33.67 -6.42
CA THR F 54 -22.82 -33.06 -7.73
C THR F 54 -21.40 -33.33 -8.27
N ARG F 55 -20.47 -33.66 -7.40
CA ARG F 55 -19.12 -33.90 -7.84
C ARG F 55 -18.92 -35.09 -8.81
N LYS F 56 -19.53 -36.26 -8.67
CA LYS F 56 -19.26 -37.27 -9.70
C LYS F 56 -20.30 -37.41 -10.85
N LEU F 57 -20.48 -36.35 -11.60
CA LEU F 57 -21.41 -36.25 -12.71
C LEU F 57 -20.76 -35.55 -13.88
N PRO F 58 -20.97 -36.02 -15.11
CA PRO F 58 -20.41 -35.30 -16.27
C PRO F 58 -20.81 -33.83 -16.24
N ARG F 59 -19.92 -32.98 -16.75
CA ARG F 59 -20.20 -31.55 -16.79
C ARG F 59 -21.55 -31.27 -17.43
N ALA F 60 -21.93 -32.07 -18.43
CA ALA F 60 -23.19 -31.85 -19.13
C ALA F 60 -24.38 -32.06 -18.21
N ASP F 61 -24.29 -33.01 -17.28
CA ASP F 61 -25.41 -33.27 -16.38
C ASP F 61 -25.59 -32.14 -15.38
N TYR F 62 -24.50 -31.76 -14.68
CA TYR F 62 -24.56 -30.63 -13.77
C TYR F 62 -25.03 -29.37 -14.49
N ARG F 63 -24.63 -29.21 -15.76
CA ARG F 63 -25.09 -28.06 -16.54
C ARG F 63 -26.58 -28.16 -16.85
N ASN F 64 -27.06 -29.35 -17.16
CA ASN F 64 -28.50 -29.56 -17.32
C ASN F 64 -29.25 -29.09 -16.08
N ILE F 65 -28.74 -29.47 -14.91
CA ILE F 65 -29.36 -29.05 -13.66
C ILE F 65 -29.36 -27.53 -13.56
N GLN F 66 -28.21 -26.90 -13.83
CA GLN F 66 -28.12 -25.45 -13.76
C GLN F 66 -29.16 -24.79 -14.66
N ILE F 67 -29.32 -25.30 -15.88
CA ILE F 67 -30.23 -24.68 -16.84
C ILE F 67 -31.67 -24.83 -16.40
N GLU F 68 -32.06 -26.02 -15.94
CA GLU F 68 -33.44 -26.22 -15.52
C GLU F 68 -33.74 -25.41 -14.26
N ALA F 69 -32.76 -25.30 -13.37
CA ALA F 69 -32.94 -24.45 -12.19
C ALA F 69 -33.11 -22.99 -12.57
N ALA F 70 -32.31 -22.51 -13.52
CA ALA F 70 -32.44 -21.13 -13.97
C ALA F 70 -33.80 -20.88 -14.60
N LYS F 71 -34.30 -21.84 -15.39
CA LYS F 71 -35.66 -21.71 -15.93
C LYS F 71 -36.69 -21.61 -14.80
N LYS F 72 -36.66 -22.59 -13.88
CA LYS F 72 -37.58 -22.57 -12.76
C LYS F 72 -37.58 -21.23 -12.05
N ILE F 73 -36.39 -20.67 -11.79
CA ILE F 73 -36.32 -19.38 -11.11
C ILE F 73 -36.91 -18.29 -11.99
N SER F 74 -36.58 -18.29 -13.28
CA SER F 74 -37.14 -17.32 -14.20
C SER F 74 -38.65 -17.31 -14.16
N LEU F 75 -39.28 -18.41 -13.74
CA LEU F 75 -40.73 -18.41 -13.59
C LEU F 75 -41.21 -17.40 -12.55
N ILE F 76 -40.37 -17.00 -11.60
CA ILE F 76 -40.79 -16.02 -10.59
C ILE F 76 -40.96 -14.65 -11.26
N THR F 77 -41.96 -13.91 -10.81
CA THR F 77 -42.40 -12.68 -11.47
C THR F 77 -42.14 -11.41 -10.69
N ASP F 78 -42.38 -11.43 -9.37
CA ASP F 78 -42.25 -10.22 -8.57
C ASP F 78 -40.76 -9.90 -8.35
N ASN F 79 -40.50 -8.85 -7.56
CA ASN F 79 -39.14 -8.55 -7.17
C ASN F 79 -38.45 -9.82 -6.69
N LEU F 80 -37.21 -10.02 -7.14
CA LEU F 80 -36.53 -11.30 -6.90
C LEU F 80 -35.09 -11.07 -6.46
N ILE F 81 -34.63 -11.95 -5.57
CA ILE F 81 -33.23 -12.00 -5.15
C ILE F 81 -32.77 -13.44 -5.21
N VAL F 82 -31.60 -13.66 -5.82
CA VAL F 82 -31.04 -14.98 -6.01
C VAL F 82 -29.79 -15.07 -5.15
N ASP F 83 -29.93 -15.77 -4.02
CA ASP F 83 -28.81 -16.00 -3.10
C ASP F 83 -27.86 -17.00 -3.73
N THR F 84 -26.65 -16.50 -4.05
CA THR F 84 -25.66 -17.37 -4.69
C THR F 84 -24.28 -16.78 -4.50
N HIS F 85 -23.28 -17.44 -5.09
CA HIS F 85 -21.89 -17.02 -5.02
C HIS F 85 -21.33 -16.92 -6.42
N MET F 86 -20.57 -15.86 -6.71
CA MET F 86 -19.92 -15.75 -8.00
C MET F 86 -18.95 -16.89 -8.23
N SER F 87 -18.23 -17.31 -7.19
CA SER F 87 -17.32 -18.44 -7.29
C SER F 87 -17.09 -19.00 -5.89
N LEU F 88 -16.52 -20.20 -5.84
CA LEU F 88 -16.25 -20.89 -4.60
C LEU F 88 -14.82 -21.41 -4.58
N LYS F 89 -14.23 -21.40 -3.39
CA LYS F 89 -12.93 -22.03 -3.19
C LYS F 89 -13.05 -23.53 -3.37
N THR F 90 -11.85 -24.09 -3.93
CA THR F 90 -11.81 -25.54 -4.01
C THR F 90 -10.37 -25.99 -4.14
N PRO F 91 -10.03 -27.26 -3.77
CA PRO F 91 -8.58 -27.54 -3.82
C PRO F 91 -8.05 -27.21 -5.20
N TYR F 92 -8.83 -27.54 -6.22
CA TYR F 92 -8.45 -27.29 -7.60
C TYR F 92 -8.28 -25.81 -7.94
N GLY F 93 -9.15 -24.96 -7.39
CA GLY F 93 -9.06 -23.54 -7.66
C GLY F 93 -10.41 -22.88 -7.49
N PHE F 94 -10.63 -21.77 -8.17
CA PHE F 94 -11.90 -21.09 -8.08
C PHE F 94 -12.85 -21.62 -9.16
N TYR F 95 -14.05 -21.98 -8.76
CA TYR F 95 -15.06 -22.47 -9.69
C TYR F 95 -16.27 -21.55 -9.67
N PRO F 96 -16.79 -21.13 -10.81
CA PRO F 96 -17.94 -20.22 -10.83
C PRO F 96 -19.22 -20.94 -10.42
N GLY F 97 -20.24 -20.13 -10.13
CA GLY F 97 -21.53 -20.64 -9.71
C GLY F 97 -22.59 -20.52 -10.79
N LEU F 98 -22.29 -19.78 -11.85
CA LEU F 98 -23.23 -19.59 -12.95
C LEU F 98 -22.56 -19.92 -14.27
N ILE F 99 -23.38 -19.98 -15.31
CA ILE F 99 -22.90 -20.01 -16.69
C ILE F 99 -23.64 -18.90 -17.45
N PRO F 100 -23.16 -18.52 -18.63
CA PRO F 100 -23.88 -17.49 -19.39
C PRO F 100 -25.34 -17.87 -19.64
N GLU F 101 -25.65 -19.16 -19.62
CA GLU F 101 -27.04 -19.59 -19.78
C GLU F 101 -27.85 -19.26 -18.53
N THR F 102 -27.25 -19.39 -17.36
CA THR F 102 -27.94 -19.00 -16.13
C THR F 102 -28.35 -17.53 -16.20
N ILE F 103 -27.41 -16.65 -16.55
CA ILE F 103 -27.67 -15.21 -16.56
C ILE F 103 -28.51 -14.79 -17.76
N ASN F 104 -28.52 -15.56 -18.83
CA ASN F 104 -29.40 -15.29 -19.96
C ASN F 104 -30.74 -16.03 -19.88
N ILE F 105 -30.96 -16.80 -18.81
CA ILE F 105 -32.25 -17.43 -18.57
C ILE F 105 -32.99 -16.68 -17.46
N ILE F 106 -32.23 -16.15 -16.49
CA ILE F 106 -32.89 -15.40 -15.41
C ILE F 106 -33.05 -13.92 -15.75
N GLN F 107 -32.27 -13.39 -16.70
CA GLN F 107 -32.34 -12.01 -17.14
C GLN F 107 -32.45 -11.06 -15.95
N PRO F 108 -31.48 -11.06 -15.03
CA PRO F 108 -31.54 -10.18 -13.88
C PRO F 108 -31.11 -8.77 -14.23
N ASP F 109 -31.72 -7.80 -13.54
CA ASP F 109 -31.35 -6.41 -13.76
C ASP F 109 -29.90 -6.16 -13.38
N GLY F 110 -29.38 -6.88 -12.40
CA GLY F 110 -28.00 -6.66 -11.99
C GLY F 110 -27.51 -7.67 -10.98
N ILE F 111 -26.27 -7.44 -10.56
CA ILE F 111 -25.56 -8.29 -9.62
C ILE F 111 -24.97 -7.41 -8.52
N ILE F 112 -25.29 -7.72 -7.28
CA ILE F 112 -24.83 -6.97 -6.12
C ILE F 112 -23.71 -7.76 -5.45
N LEU F 113 -22.62 -7.07 -5.14
CA LEU F 113 -21.43 -7.66 -4.54
C LEU F 113 -21.22 -7.01 -3.18
N LEU F 114 -21.41 -7.77 -2.11
CA LEU F 114 -21.15 -7.26 -0.76
C LEU F 114 -19.67 -7.44 -0.47
N GLU F 115 -18.93 -6.32 -0.40
CA GLU F 115 -17.49 -6.36 -0.18
C GLU F 115 -17.18 -5.94 1.25
N PHE F 116 -16.75 -6.90 2.07
CA PHE F 116 -16.44 -6.66 3.47
C PHE F 116 -14.95 -6.40 3.66
N ASN F 117 -14.57 -6.10 4.90
CA ASN F 117 -13.18 -6.07 5.30
C ASN F 117 -12.75 -7.48 5.71
N PRO F 118 -11.63 -8.00 5.19
CA PRO F 118 -11.28 -9.40 5.49
C PRO F 118 -11.23 -9.72 6.97
N ARG F 119 -10.77 -8.79 7.78
CA ARG F 119 -10.71 -9.03 9.22
C ARG F 119 -12.10 -9.31 9.78
N ASP F 120 -13.08 -8.51 9.36
CA ASP F 120 -14.46 -8.81 9.73
C ASP F 120 -14.85 -10.22 9.33
N VAL F 121 -14.45 -10.64 8.12
CA VAL F 121 -14.84 -11.96 7.64
C VAL F 121 -14.25 -13.04 8.54
N ILE F 122 -12.98 -12.90 8.92
CA ILE F 122 -12.37 -13.89 9.80
C ILE F 122 -13.08 -13.90 11.15
N ALA F 123 -13.36 -12.72 11.70
CA ALA F 123 -14.07 -12.64 12.97
C ALA F 123 -15.40 -13.38 12.90
N ARG F 124 -16.20 -13.07 11.86
CA ARG F 124 -17.53 -13.65 11.78
C ARG F 124 -17.48 -15.15 11.54
N ARG F 125 -16.57 -15.60 10.67
CA ARG F 125 -16.45 -17.03 10.39
C ARG F 125 -16.06 -17.79 11.65
N GLU F 126 -15.07 -17.28 12.38
CA GLU F 126 -14.65 -17.96 13.61
C GLU F 126 -15.78 -17.94 14.65
N LYS F 127 -16.47 -16.81 14.77
CA LYS F 127 -17.63 -16.74 15.64
C LYS F 127 -18.63 -17.83 15.31
N ASP F 128 -19.14 -17.84 14.08
CA ASP F 128 -20.07 -18.86 13.63
C ASP F 128 -19.56 -20.26 13.93
N ARG F 129 -18.28 -20.50 13.63
CA ARG F 129 -17.70 -21.83 13.85
C ARG F 129 -17.71 -22.21 15.33
N LEU F 130 -17.58 -21.23 16.22
CA LEU F 130 -17.59 -21.52 17.66
C LEU F 130 -18.93 -22.03 18.16
N ALA F 131 -19.99 -21.96 17.35
CA ALA F 131 -21.32 -22.40 17.77
C ALA F 131 -21.91 -23.45 16.82
N GLY F 132 -21.06 -24.17 16.10
CA GLY F 132 -21.55 -25.21 15.21
C GLY F 132 -22.34 -24.71 14.03
N LYS F 133 -21.97 -23.53 13.50
CA LYS F 133 -22.67 -22.98 12.34
C LYS F 133 -22.10 -23.53 11.04
N ARG F 134 -20.79 -23.40 10.84
CA ARG F 134 -20.11 -23.96 9.68
C ARG F 134 -19.42 -25.26 10.07
N VAL F 135 -19.01 -26.01 9.04
CA VAL F 135 -18.61 -27.40 9.25
C VAL F 135 -17.14 -27.48 9.66
N THR F 136 -16.26 -26.76 8.98
CA THR F 136 -14.83 -26.95 9.11
C THR F 136 -14.13 -25.63 9.37
N ARG F 137 -12.95 -25.72 9.98
CA ARG F 137 -12.10 -24.55 10.22
C ARG F 137 -11.65 -23.96 8.90
N ASP F 138 -12.27 -22.85 8.49
CA ASP F 138 -11.83 -22.10 7.33
C ASP F 138 -10.40 -21.61 7.54
N MET F 139 -9.44 -22.28 6.90
CA MET F 139 -8.03 -21.97 7.07
C MET F 139 -7.56 -20.85 6.14
N GLU F 140 -8.43 -19.89 5.84
CA GLU F 140 -8.12 -18.87 4.84
C GLU F 140 -7.36 -17.71 5.49
N SER F 141 -6.29 -17.29 4.83
CA SER F 141 -5.50 -16.16 5.29
C SER F 141 -6.27 -14.86 5.06
N GLU F 142 -5.70 -13.77 5.60
CA GLU F 142 -6.32 -12.46 5.39
C GLU F 142 -6.27 -12.05 3.93
N THR F 143 -5.29 -12.54 3.17
CA THR F 143 -5.14 -12.20 1.76
C THR F 143 -5.88 -13.15 0.84
N ASP F 144 -6.08 -14.40 1.28
CA ASP F 144 -6.94 -15.31 0.53
C ASP F 144 -8.34 -14.71 0.36
N ILE F 145 -8.86 -14.07 1.40
CA ILE F 145 -10.19 -13.47 1.33
C ILE F 145 -10.20 -12.32 0.33
N LEU F 146 -9.15 -11.50 0.34
CA LEU F 146 -9.08 -10.39 -0.59
C LEU F 146 -9.01 -10.89 -2.02
N LEU F 147 -8.19 -11.91 -2.27
CA LEU F 147 -8.13 -12.50 -3.60
C LEU F 147 -9.49 -13.05 -4.01
N HIS F 148 -10.21 -13.68 -3.08
CA HIS F 148 -11.53 -14.20 -3.39
C HIS F 148 -12.48 -13.07 -3.80
N GLN F 149 -12.42 -11.95 -3.07
CA GLN F 149 -13.29 -10.83 -3.41
C GLN F 149 -12.96 -10.27 -4.79
N GLN F 150 -11.67 -10.09 -5.08
CA GLN F 150 -11.27 -9.59 -6.39
C GLN F 150 -11.73 -10.53 -7.50
N VAL F 151 -11.60 -11.84 -7.29
CA VAL F 151 -12.00 -12.81 -8.30
C VAL F 151 -13.51 -12.77 -8.53
N ASN F 152 -14.28 -12.64 -7.45
CA ASN F 152 -15.72 -12.49 -7.60
C ASN F 152 -16.05 -11.24 -8.41
N ARG F 153 -15.31 -10.17 -8.14
CA ARG F 153 -15.48 -8.94 -8.92
C ARG F 153 -15.28 -9.21 -10.41
N MET F 154 -14.21 -9.94 -10.74
CA MET F 154 -13.90 -10.20 -12.15
C MET F 154 -14.98 -11.06 -12.80
N PHE F 155 -15.45 -12.09 -12.09
CA PHE F 155 -16.55 -12.89 -12.61
C PHE F 155 -17.77 -12.02 -12.90
N ALA F 156 -18.13 -11.17 -11.94
CA ALA F 156 -19.29 -10.29 -12.12
C ALA F 156 -19.13 -9.40 -13.35
N VAL F 157 -17.94 -8.82 -13.54
CA VAL F 157 -17.74 -7.92 -14.67
C VAL F 157 -17.76 -8.69 -15.98
N SER F 158 -17.23 -9.92 -15.98
CA SER F 158 -17.33 -10.74 -17.18
C SER F 158 -18.79 -10.95 -17.57
N TYR F 159 -19.61 -11.41 -16.62
CA TYR F 159 -21.01 -11.64 -16.92
C TYR F 159 -21.69 -10.35 -17.38
N SER F 160 -21.33 -9.23 -16.76
CA SER F 160 -21.92 -7.95 -17.14
C SER F 160 -21.61 -7.62 -18.59
N ALA F 161 -20.32 -7.65 -18.96
CA ALA F 161 -19.94 -7.36 -20.33
C ALA F 161 -20.58 -8.32 -21.31
N ILE F 162 -20.82 -9.56 -20.89
CA ILE F 162 -21.35 -10.56 -21.81
C ILE F 162 -22.86 -10.41 -21.98
N ASN F 163 -23.57 -9.92 -20.97
CA ASN F 163 -25.02 -9.92 -21.00
C ASN F 163 -25.65 -8.57 -20.68
N GLN F 164 -24.85 -7.52 -20.47
CA GLN F 164 -25.35 -6.16 -20.28
C GLN F 164 -26.29 -6.08 -19.07
N CYS F 165 -25.68 -6.24 -17.90
CA CYS F 165 -26.38 -6.11 -16.63
C CYS F 165 -25.59 -5.20 -15.71
N TYR F 166 -26.29 -4.55 -14.78
CA TYR F 166 -25.62 -3.73 -13.79
C TYR F 166 -24.77 -4.59 -12.85
N VAL F 167 -23.70 -4.00 -12.34
CA VAL F 167 -22.90 -4.61 -11.29
C VAL F 167 -22.77 -3.57 -10.18
N LYS F 168 -23.59 -3.70 -9.15
CA LYS F 168 -23.53 -2.84 -7.98
C LYS F 168 -22.55 -3.45 -6.98
N ILE F 169 -21.67 -2.63 -6.44
CA ILE F 169 -20.67 -3.06 -5.46
C ILE F 169 -20.92 -2.27 -4.19
N ILE F 170 -21.33 -2.96 -3.13
CA ILE F 170 -21.65 -2.32 -1.86
C ILE F 170 -20.44 -2.45 -0.95
N ASP F 171 -19.90 -1.30 -0.56
CA ASP F 171 -18.69 -1.22 0.25
C ASP F 171 -19.07 -1.30 1.73
N LEU F 172 -18.69 -2.40 2.38
CA LEU F 172 -18.89 -2.62 3.80
C LEU F 172 -17.56 -2.85 4.51
N THR F 173 -16.49 -2.22 4.01
CA THR F 173 -15.18 -2.32 4.64
C THR F 173 -15.02 -1.35 5.80
N TRP F 174 -15.84 -0.31 5.86
CA TRP F 174 -15.78 0.64 6.96
C TRP F 174 -16.16 -0.04 8.27
N PRO F 175 -15.65 0.45 9.40
CA PRO F 175 -15.90 -0.24 10.67
C PRO F 175 -17.27 0.10 11.24
N GLN F 176 -17.91 -0.92 11.81
CA GLN F 176 -19.21 -0.72 12.45
C GLN F 176 -19.04 0.00 13.78
N GLU F 177 -20.07 0.76 14.14
CA GLU F 177 -20.20 1.29 15.49
C GLU F 177 -21.10 0.41 16.36
N TYR F 178 -21.81 -0.53 15.76
CA TYR F 178 -22.62 -1.51 16.46
C TYR F 178 -22.89 -2.65 15.49
N GLU F 179 -22.79 -3.88 15.98
CA GLU F 179 -22.92 -5.03 15.10
C GLU F 179 -24.21 -4.97 14.29
N PHE F 180 -24.21 -5.64 13.12
CA PHE F 180 -25.35 -5.61 12.20
C PHE F 180 -25.66 -4.20 11.72
N GLN F 181 -24.65 -3.32 11.71
CA GLN F 181 -24.80 -2.04 11.02
C GLN F 181 -24.48 -2.16 9.54
N HIS F 182 -23.54 -3.04 9.19
CA HIS F 182 -23.28 -3.33 7.78
C HIS F 182 -24.56 -3.76 7.08
N THR F 183 -25.40 -4.56 7.75
CA THR F 183 -26.70 -4.92 7.19
C THR F 183 -27.61 -3.70 7.15
N GLU F 184 -27.61 -2.90 8.22
CA GLU F 184 -28.40 -1.67 8.28
C GLU F 184 -28.04 -0.70 7.17
N TYR F 185 -26.90 -0.90 6.51
CA TYR F 185 -26.46 -0.10 5.38
C TYR F 185 -26.75 -0.77 4.05
N ALA F 186 -26.49 -2.07 3.96
CA ALA F 186 -26.71 -2.82 2.72
C ALA F 186 -28.18 -2.86 2.36
N VAL F 187 -29.04 -3.23 3.30
CA VAL F 187 -30.46 -3.31 3.00
C VAL F 187 -30.99 -1.94 2.58
N ASN F 188 -30.47 -0.88 3.20
CA ASN F 188 -30.95 0.46 2.88
C ASN F 188 -30.55 0.87 1.48
N LYS F 189 -29.29 0.64 1.10
CA LYS F 189 -28.88 0.93 -0.28
C LYS F 189 -29.69 0.11 -1.28
N ILE F 190 -29.95 -1.16 -0.96
CA ILE F 190 -30.64 -2.03 -1.91
C ILE F 190 -32.09 -1.60 -2.09
N ILE F 191 -32.74 -1.20 -1.00
CA ILE F 191 -34.12 -0.73 -1.10
C ILE F 191 -34.18 0.62 -1.81
N GLU F 192 -33.20 1.49 -1.53
CA GLU F 192 -33.11 2.74 -2.27
C GLU F 192 -33.01 2.48 -3.76
N MET F 193 -32.21 1.48 -4.17
CA MET F 193 -32.13 1.11 -5.57
C MET F 193 -33.48 0.63 -6.09
N LEU F 194 -34.10 -0.30 -5.36
CA LEU F 194 -35.39 -0.83 -5.79
C LEU F 194 -36.48 0.24 -5.82
N ASN F 195 -36.26 1.40 -5.22
CA ASN F 195 -37.22 2.50 -5.26
C ASN F 195 -36.93 3.48 -6.40
N PHE F 196 -35.66 3.81 -6.62
CA PHE F 196 -35.28 4.78 -7.65
C PHE F 196 -35.97 4.50 -8.98
PA TTP G . -8.83 -0.90 27.80
O1A TTP G . -9.83 -0.02 28.50
O2A TTP G . -8.58 -2.13 28.63
O3A TTP G . -7.42 -0.07 27.60
PB TTP G . -6.89 1.42 28.07
O1B TTP G . -5.45 1.33 28.50
O2B TTP G . -6.99 2.36 26.89
O3B TTP G . -7.77 2.02 29.30
PG TTP G . -7.61 3.43 30.15
O1G TTP G . -7.85 3.17 31.62
O2G TTP G . -6.21 3.96 29.95
O3G TTP G . -8.61 4.44 29.64
O5' TTP G . -9.40 -1.34 26.34
C5' TTP G . -10.45 -0.57 25.80
C4' TTP G . -11.64 -1.46 25.54
O4' TTP G . -11.34 -2.33 24.40
C3' TTP G . -11.87 -2.40 26.73
O3' TTP G . -13.03 -1.99 27.45
C2' TTP G . -12.09 -3.76 26.09
C1' TTP G . -12.10 -3.52 24.60
N1 TTP G . -11.45 -4.60 23.93
C2 TTP G . -12.15 -5.35 22.86
O2 TTP G . -13.25 -5.05 22.55
N3 TTP G . -11.52 -6.40 22.21
C4 TTP G . -10.27 -6.74 22.55
O4 TTP G . -9.74 -7.68 21.95
C5 TTP G . -9.54 -6.08 23.56
C5M TTP G . -8.13 -6.53 23.89
C6 TTP G . -10.12 -5.01 24.26
PA TTP H . 4.74 29.26 -0.01
O1A TTP H . 3.56 30.09 0.41
O2A TTP H . 5.76 30.12 -0.70
O3A TTP H . 5.43 28.56 1.30
PB TTP H . 7.00 28.35 1.70
O1B TTP H . 7.17 27.04 2.42
O2B TTP H . 7.45 29.49 2.57
O3B TTP H . 7.88 28.34 0.32
PG TTP H . 9.30 29.06 -0.07
O1G TTP H . 9.28 30.48 0.40
O2G TTP H . 10.44 28.32 0.60
O3G TTP H . 9.48 29.03 -1.56
O5' TTP H . 4.22 28.10 -1.03
C5' TTP H . 2.98 28.28 -1.62
C4' TTP H . 3.15 28.30 -3.11
O4' TTP H . 2.17 27.37 -3.70
C3' TTP H . 2.77 29.67 -3.64
O3' TTP H . 3.34 29.87 -4.93
C2' TTP H . 1.27 29.58 -3.74
C1' TTP H . 1.05 28.13 -4.13
N1 TTP H . -0.14 27.61 -3.51
C2 TTP H . -1.30 27.19 -4.33
O2 TTP H . -1.25 27.29 -5.50
N3 TTP H . -2.43 26.69 -3.72
C4 TTP H . -2.48 26.58 -2.40
O4 TTP H . -3.51 26.13 -1.88
C5 TTP H . -1.42 26.96 -1.55
C5M TTP H . -1.58 26.80 -0.04
C6 TTP H . -0.24 27.48 -2.08
PA TTP I . 27.79 -8.53 3.34
O1A TTP I . 28.24 -7.74 2.15
O2A TTP I . 28.90 -9.42 3.82
O3A TTP I . 27.34 -7.53 4.54
PB TTP I . 27.11 -7.86 6.12
O1B TTP I . 25.84 -8.65 6.27
O2B TTP I . 28.27 -8.68 6.61
O3B TTP I . 26.99 -6.49 7.01
PG TTP I . 27.28 -6.25 8.61
O1G TTP I . 28.55 -5.47 8.79
O2G TTP I . 26.13 -5.48 9.23
O3G TTP I . 27.40 -7.58 9.29
O5' TTP I . 26.50 -9.46 2.94
C5' TTP I . 26.05 -9.43 1.61
C4' TTP I . 25.79 -10.85 1.17
O4' TTP I . 24.85 -10.86 0.05
C3' TTP I . 27.06 -11.45 0.62
O3' TTP I . 26.94 -12.88 0.60
C2' TTP I . 27.06 -10.92 -0.79
C1' TTP I . 25.60 -10.93 -1.16
N1 TTP I . 25.26 -9.83 -2.00
C2 TTP I . 24.54 -10.06 -3.28
O2 TTP I . 24.25 -11.17 -3.58
N3 TTP I . 24.21 -9.00 -4.09
C4 TTP I . 24.55 -7.76 -3.74
O4 TTP I . 24.24 -6.83 -4.49
C5 TTP I . 25.22 -7.46 -2.55
C5M TTP I . 25.55 -6.00 -2.22
C6 TTP I . 25.58 -8.48 -1.66
PA TTP J . -12.14 16.92 -19.75
O1A TTP J . -11.21 16.06 -20.57
O2A TTP J . -12.69 18.03 -20.59
O3A TTP J . -13.36 15.98 -19.19
PB TTP J . -13.91 14.51 -19.66
O1B TTP J . -13.51 14.27 -21.09
O2B TTP J . -13.32 13.45 -18.78
O3B TTP J . -15.55 14.48 -19.54
PG TTP J . -16.74 14.81 -20.62
O1G TTP J . -16.67 16.27 -21.00
O2G TTP J . -16.55 13.95 -21.84
O3G TTP J . -18.09 14.52 -20.00
O5' TTP J . -11.33 17.53 -18.47
C5' TTP J . -12.06 17.80 -17.31
C4' TTP J . -11.53 19.05 -16.68
O4' TTP J . -10.17 18.78 -16.18
C3' TTP J . -11.41 20.14 -17.75
O3' TTP J . -12.08 21.32 -17.30
C2' TTP J . -9.92 20.38 -17.89
C1' TTP J . -9.34 19.86 -16.59
N1 TTP J . -8.01 19.36 -16.77
C2 TTP J . -6.83 20.02 -16.14
O2 TTP J . -7.00 20.97 -15.46
N3 TTP J . -5.56 19.51 -16.33
C4 TTP J . -5.38 18.44 -17.10
O4 TTP J . -4.23 18.01 -17.26
C5 TTP J . -6.45 17.75 -17.74
C5M TTP J . -6.16 16.53 -18.60
C6 TTP J . -7.76 18.20 -17.59
PA TTP K . 12.33 -20.21 -17.46
O1A TTP K . 12.18 -21.61 -16.94
O2A TTP K . 13.14 -20.21 -18.72
O3A TTP K . 10.87 -19.56 -17.82
PB TTP K . 10.17 -19.23 -19.26
O1B TTP K . 10.60 -20.26 -20.26
O2B TTP K . 8.66 -19.23 -19.13
O3B TTP K . 10.68 -17.76 -19.78
PG TTP K . 11.03 -17.24 -21.29
O1G TTP K . 9.95 -17.67 -22.24
O2G TTP K . 11.14 -15.73 -21.32
O3G TTP K . 12.35 -17.84 -21.72
O5' TTP K . 13.07 -19.29 -16.32
C5' TTP K . 13.91 -18.27 -16.78
C4' TTP K . 15.12 -18.18 -15.90
O4' TTP K . 14.71 -18.24 -14.49
C3' TTP K . 16.03 -19.40 -16.09
O3' TTP K . 17.18 -19.03 -16.84
C2' TTP K . 16.42 -19.80 -14.68
C1' TTP K . 15.87 -18.67 -13.81
N1 TTP K . 15.51 -19.14 -12.51
C2 TTP K . 16.43 -19.01 -11.36
O2 TTP K . 17.49 -18.52 -11.52
N3 TTP K . 16.05 -19.45 -10.11
C4 TTP K . 14.85 -20.01 -9.94
O4 TTP K . 14.54 -20.41 -8.82
C5 TTP K . 13.92 -20.17 -10.98
C5M TTP K . 12.57 -20.82 -10.69
C6 TTP K . 14.22 -19.74 -12.27
PA TTP L . -24.13 -15.06 7.00
O1A TTP L . -23.77 -13.82 6.26
O2A TTP L . -25.62 -15.18 7.11
O3A TTP L . -23.51 -16.38 6.23
PB TTP L . -23.51 -16.84 4.66
O1B TTP L . -24.72 -16.28 3.97
O2B TTP L . -22.27 -16.34 3.99
O3B TTP L . -23.55 -18.48 4.57
PG TTP L . -22.49 -19.60 4.01
O1G TTP L . -23.10 -20.98 4.15
O2G TTP L . -22.20 -19.35 2.55
O3G TTP L . -21.22 -19.55 4.81
O5' TTP L . -23.48 -15.01 8.51
C5' TTP L . -22.55 -14.01 8.80
C4' TTP L . -22.16 -14.10 10.24
O4' TTP L . -21.56 -12.84 10.68
C3' TTP L . -23.39 -14.31 11.12
O3' TTP L . -23.04 -15.13 12.23
C2' TTP L . -23.74 -12.92 11.56
C1' TTP L . -22.41 -12.20 11.62
N1 TTP L . -22.57 -10.83 11.25
C2 TTP L . -22.16 -9.74 12.16
O2 TTP L . -21.71 -9.99 13.21
N3 TTP L . -22.32 -8.42 11.78
C4 TTP L . -22.84 -8.13 10.59
O4 TTP L . -22.97 -6.95 10.27
C5 TTP L . -23.25 -9.11 9.67
C5M TTP L . -23.83 -8.70 8.32
C6 TTP L . -23.12 -10.47 9.98
#